data_7PFD
#
_entry.id   7PFD
#
_cell.length_a   1.00
_cell.length_b   1.00
_cell.length_c   1.00
_cell.angle_alpha   90.00
_cell.angle_beta   90.00
_cell.angle_gamma   90.00
#
_symmetry.space_group_name_H-M   'P 1'
#
loop_
_entity.id
_entity.type
_entity.pdbx_description
1 polymer 'Histone H3.2'
2 polymer 'Histone H4'
3 polymer 'Histone H2A type 1-B/E'
4 polymer 'Histone H2B type 1-K'
5 polymer 'DNA (172-MER)'
6 polymer 'DNA (172-MER)'
7 polymer 'Histone H1.4'
#
loop_
_entity_poly.entity_id
_entity_poly.type
_entity_poly.pdbx_seq_one_letter_code
_entity_poly.pdbx_strand_id
1 'polypeptide(L)'
;MARTKQTARKSTGGKAPRKQLATKAARKSAPATGGVKKPHRYRPGTVALREIRRYQKSTELLIRKLPFQRLVREIAQDFK
TDLRFQSSAVMALQEASEAYLVGLFEDTNLAAIHAKRVTIMPKDIQLARRIRGERA
;
A,E
2 'polypeptide(L)'
;MSGRGKGGKGLGKGGAKRHRKVLRDNIQGITKPAIRRLARRGGVKRISGLIYEETRGVLKVFLENVIRDAVTYTEHAKRK
TVTAMDVVYALKRQGRTLYGFGG
;
B,F
3 'polypeptide(L)'
;HHHHHHENLYFQSNAPWMSGRGKQGGKARAKAKTRSSRAGLQFPVGRVHRLLRKGNYSERVGAGAPVYLAAVLEYLTAEI
LELAGNAARDNKKTRIIPRHLQLAIRNDEELNKLLGRVTIAQGGVLPNIQAVLLPKKTESHHKAKGK
;
C,G
4 'polypeptide(L)'
;MPEPAKSAPAPKKGSKKAVTKAQKKDGKKRKRSRKESYSVYVYKVLKQVHPDTGISSKAMGIMNSFVNDIFERIAGEASR
LAHYNKRSTITSREIQTAVRLLLPGELAKHAVSEGTKAVTKYTSAK
;
D,H
5 'polydeoxyribonucleotide'
;(DC)(DT)(DT)(DA)(DA)(DT)(DA)(DC)(DT)(DT)(DA)(DC)(DA)(DT)(DG)(DA)(DC)(DA)(DG)(DG)
(DA)(DT)(DG)(DT)(DA)(DT)(DA)(DT)(DA)(DT)(DC)(DT)(DG)(DA)(DC)(DA)(DC)(DG)(DT)(DG)
(DC)(DC)(DT)(DG)(DG)(DA)(DG)(DA)(DC)(DT)(DA)(DG)(DG)(DG)(DA)(DG)(DT)(DA)(DA)(DT)
(DC)(DC)(DC)(DC)(DT)(DT)(DG)(DG)(DC)(DG)(DG)(DT)(DT)(DA)(DA)(DA)(DA)(DC)(DG)(DC)
(DG)(DG)(DG)(DG)(DG)(DA)(DC)(DA)(DG)(DC)(DG)(DC)(DG)(DT)(DA)(DC)(DG)(DT)(DG)(DC)
(DG)(DT)(DT)(DT)(DA)(DA)(DG)(DC)(DG)(DG)(DT)(DG)(DC)(DT)(DA)(DG)(DA)(DG)(DC)(DT)
(DG)(DT)(DC)(DT)(DA)(DC)(DG)(DA)(DC)(DC)(DA)(DA)(DT)(DT)(DG)(DA)(DG)(DC)(DG)(DG)
(DC)(DC)(DT)(DC)(DG)(DG)(DC)(DA)(DC)(DC)(DG)(DG)(DG)(DA)(DT)(DT)(DC)(DT)(DC)(DC)
(DA)(DG)(DT)(DA)(DT)(DG)(DG)(DC)(DG)(DG)(DC)(DC)
;
J
6 'polydeoxyribonucleotide'
;(DG)(DG)(DC)(DC)(DG)(DC)(DC)(DA)(DT)(DA)(DC)(DT)(DG)(DG)(DA)(DG)(DA)(DA)(DT)(DC)
(DC)(DC)(DG)(DG)(DT)(DG)(DC)(DC)(DG)(DA)(DG)(DG)(DC)(DC)(DG)(DC)(DT)(DC)(DA)(DA)
(DT)(DT)(DG)(DG)(DT)(DC)(DG)(DT)(DA)(DG)(DA)(DC)(DA)(DG)(DC)(DT)(DC)(DT)(DA)(DG)
(DC)(DA)(DC)(DC)(DG)(DC)(DT)(DT)(DA)(DA)(DA)(DC)(DG)(DC)(DA)(DC)(DG)(DT)(DA)(DC)
(DG)(DC)(DG)(DC)(DT)(DG)(DT)(DC)(DC)(DC)(DC)(DC)(DG)(DC)(DG)(DT)(DT)(DT)(DT)(DA)
(DA)(DC)(DC)(DG)(DC)(DC)(DA)(DA)(DG)(DG)(DG)(DG)(DA)(DT)(DT)(DA)(DC)(DT)(DC)(DC)
(DC)(DT)(DA)(DG)(DT)(DC)(DT)(DC)(DC)(DA)(DG)(DG)(DC)(DA)(DC)(DG)(DT)(DG)(DT)(DC)
(DA)(DG)(DA)(DT)(DA)(DT)(DA)(DT)(DA)(DC)(DA)(DT)(DC)(DC)(DT)(DG)(DT)(DC)(DA)(DT)
(DG)(DT)(DA)(DA)(DG)(DT)(DA)(DT)(DT)(DA)(DA)(DG)
;
I
7 'polypeptide(L)'
;SETAPAAPAAPAPAEKTPVKKKARKSAGAAKRKASGPPVSELITKAVAASKERSGVSLAALKKALAAAGYDVEKNNSRIK
LGLKSLVSKGTLVQTKGTGASGSFKLNKKAASGEAKPKAKKAGAAKAKKPAGAAKKPKKATGAATPKKSAKKTPKKAKKP
AAAAGAKKAKSPKKAKAAKPKKAPKSPAKAKAVKPKAAKPKTAKPKAAKPKKAAAKKK
;
U
#
# COMPACT_ATOMS: atom_id res chain seq x y z
N LYS A 38 -51.78 12.22 -10.06
CA LYS A 38 -50.42 12.74 -10.09
C LYS A 38 -49.48 11.79 -10.82
N PRO A 39 -48.45 12.33 -11.46
CA PRO A 39 -47.37 11.48 -11.96
C PRO A 39 -46.61 10.85 -10.80
N HIS A 40 -46.14 9.63 -11.02
CA HIS A 40 -45.47 8.90 -9.95
C HIS A 40 -44.07 9.43 -9.74
N ARG A 41 -43.65 9.49 -8.49
CA ARG A 41 -42.34 10.06 -8.16
C ARG A 41 -41.78 9.31 -6.96
N TYR A 42 -40.56 8.79 -7.09
CA TYR A 42 -39.93 8.07 -6.00
C TYR A 42 -39.22 9.04 -5.06
N ARG A 43 -39.11 8.64 -3.80
CA ARG A 43 -38.44 9.45 -2.78
C ARG A 43 -36.93 9.46 -3.00
N PRO A 44 -36.23 10.49 -2.50
CA PRO A 44 -34.77 10.51 -2.59
C PRO A 44 -34.14 9.32 -1.87
N GLY A 45 -33.33 8.57 -2.62
CA GLY A 45 -32.75 7.34 -2.15
C GLY A 45 -33.30 6.09 -2.82
N THR A 46 -34.58 6.09 -3.20
CA THR A 46 -35.16 4.92 -3.85
C THR A 46 -34.52 4.66 -5.20
N VAL A 47 -34.49 5.68 -6.06
CA VAL A 47 -33.82 5.58 -7.34
C VAL A 47 -32.31 5.45 -7.13
N ALA A 48 -31.79 6.10 -6.07
CA ALA A 48 -30.37 5.98 -5.76
C ALA A 48 -30.00 4.56 -5.42
N LEU A 49 -30.78 3.90 -4.55
CA LEU A 49 -30.49 2.52 -4.18
C LEU A 49 -30.73 1.58 -5.35
N ARG A 50 -31.71 1.89 -6.19
CA ARG A 50 -31.97 1.08 -7.38
C ARG A 50 -30.80 1.15 -8.35
N GLU A 51 -30.25 2.35 -8.53
CA GLU A 51 -29.06 2.50 -9.34
C GLU A 51 -27.87 1.80 -8.70
N ILE A 52 -27.80 1.82 -7.36
CA ILE A 52 -26.69 1.17 -6.66
C ILE A 52 -26.70 -0.33 -6.91
N ARG A 53 -27.86 -0.97 -6.71
CA ARG A 53 -27.95 -2.41 -6.91
C ARG A 53 -27.81 -2.76 -8.39
N ARG A 54 -28.26 -1.88 -9.27
CA ARG A 54 -28.17 -2.14 -10.69
C ARG A 54 -26.72 -2.08 -11.17
N TYR A 55 -25.99 -1.05 -10.74
CA TYR A 55 -24.62 -0.92 -11.19
C TYR A 55 -23.66 -1.83 -10.45
N GLN A 56 -24.02 -2.26 -9.24
CA GLN A 56 -23.32 -3.39 -8.64
C GLN A 56 -23.59 -4.67 -9.40
N LYS A 57 -24.81 -4.82 -9.91
CA LYS A 57 -25.13 -5.96 -10.77
C LYS A 57 -24.46 -5.84 -12.13
N SER A 58 -24.34 -4.62 -12.64
CA SER A 58 -23.82 -4.44 -13.98
C SER A 58 -22.30 -4.57 -14.01
N THR A 59 -21.77 -4.85 -15.20
CA THR A 59 -20.34 -4.97 -15.41
C THR A 59 -19.81 -4.04 -16.50
N GLU A 60 -20.66 -3.28 -17.18
CA GLU A 60 -20.21 -2.44 -18.27
C GLU A 60 -19.52 -1.17 -17.75
N LEU A 61 -18.86 -0.49 -18.67
CA LEU A 61 -18.19 0.77 -18.34
C LEU A 61 -19.20 1.87 -18.12
N LEU A 62 -18.91 2.73 -17.15
CA LEU A 62 -19.81 3.83 -16.80
C LEU A 62 -19.38 5.17 -17.36
N ILE A 63 -18.37 5.19 -18.21
CA ILE A 63 -17.80 6.40 -18.76
C ILE A 63 -18.09 6.46 -20.25
N ARG A 64 -18.52 7.64 -20.73
CA ARG A 64 -18.54 7.91 -22.16
C ARG A 64 -17.13 7.76 -22.72
N LYS A 65 -16.98 6.85 -23.70
CA LYS A 65 -15.66 6.41 -24.12
C LYS A 65 -14.91 7.51 -24.86
N LEU A 66 -15.60 8.21 -25.77
CA LEU A 66 -14.93 9.20 -26.60
C LEU A 66 -14.33 10.38 -25.82
N PRO A 67 -15.03 11.03 -24.87
CA PRO A 67 -14.35 12.09 -24.12
C PRO A 67 -13.26 11.57 -23.20
N PHE A 68 -13.37 10.33 -22.71
CA PHE A 68 -12.27 9.75 -21.97
C PHE A 68 -11.03 9.59 -22.83
N GLN A 69 -11.20 9.09 -24.06
CA GLN A 69 -10.08 8.97 -24.98
C GLN A 69 -9.50 10.34 -25.32
N ARG A 70 -10.38 11.33 -25.50
CA ARG A 70 -9.91 12.68 -25.76
C ARG A 70 -9.14 13.23 -24.57
N LEU A 71 -9.57 12.91 -23.35
CA LEU A 71 -8.89 13.41 -22.15
C LEU A 71 -7.53 12.76 -21.95
N VAL A 72 -7.43 11.46 -22.20
CA VAL A 72 -6.12 10.80 -22.04
C VAL A 72 -5.16 11.29 -23.12
N ARG A 73 -5.66 11.53 -24.34
CA ARG A 73 -4.83 12.17 -25.35
C ARG A 73 -4.42 13.58 -24.95
N GLU A 74 -5.35 14.32 -24.33
CA GLU A 74 -5.08 15.68 -23.86
C GLU A 74 -3.97 15.69 -22.82
N ILE A 75 -4.07 14.83 -21.82
CA ILE A 75 -3.10 14.81 -20.74
C ILE A 75 -1.75 14.31 -21.25
N ALA A 76 -1.75 13.29 -22.10
CA ALA A 76 -0.49 12.75 -22.61
C ALA A 76 0.16 13.69 -23.61
N GLN A 77 -0.63 14.57 -24.25
CA GLN A 77 -0.05 15.60 -25.11
C GLN A 77 0.74 16.60 -24.30
N ASP A 78 0.33 16.85 -23.05
CA ASP A 78 1.05 17.76 -22.18
C ASP A 78 2.43 17.25 -21.79
N PHE A 79 2.70 15.95 -21.96
CA PHE A 79 4.03 15.42 -21.70
C PHE A 79 4.89 15.37 -22.97
N LYS A 80 4.45 14.61 -23.96
CA LYS A 80 5.09 14.60 -25.28
C LYS A 80 4.01 14.76 -26.34
N THR A 81 4.42 15.32 -27.48
CA THR A 81 3.48 15.72 -28.52
C THR A 81 2.91 14.53 -29.25
N ASP A 82 1.82 14.80 -30.01
CA ASP A 82 1.12 13.95 -30.98
C ASP A 82 1.10 12.47 -30.61
N LEU A 83 0.80 12.17 -29.35
CA LEU A 83 0.94 10.81 -28.85
C LEU A 83 -0.26 9.98 -29.27
N ARG A 84 0.00 8.74 -29.67
CA ARG A 84 -1.03 7.85 -30.17
C ARG A 84 -1.30 6.75 -29.17
N PHE A 85 -2.53 6.25 -29.21
CA PHE A 85 -3.03 5.29 -28.24
C PHE A 85 -3.60 4.09 -28.95
N GLN A 86 -3.23 2.89 -28.49
CA GLN A 86 -4.03 1.73 -28.80
C GLN A 86 -5.38 1.90 -28.11
N SER A 87 -6.46 1.71 -28.88
CA SER A 87 -7.81 1.95 -28.34
C SER A 87 -8.11 0.98 -27.20
N SER A 88 -7.66 -0.27 -27.32
CA SER A 88 -7.81 -1.24 -26.25
C SER A 88 -7.10 -0.78 -24.98
N ALA A 89 -5.94 -0.13 -25.13
CA ALA A 89 -5.28 0.46 -23.97
C ALA A 89 -6.12 1.58 -23.37
N VAL A 90 -6.86 2.32 -24.21
CA VAL A 90 -7.72 3.37 -23.69
C VAL A 90 -8.87 2.78 -22.89
N MET A 91 -9.52 1.73 -23.40
CA MET A 91 -10.55 1.08 -22.58
C MET A 91 -9.97 0.43 -21.34
N ALA A 92 -8.74 -0.07 -21.42
CA ALA A 92 -8.10 -0.63 -20.24
C ALA A 92 -7.87 0.43 -19.17
N LEU A 93 -7.38 1.61 -19.58
CA LEU A 93 -7.31 2.76 -18.69
C LEU A 93 -8.69 3.13 -18.18
N GLN A 94 -9.72 2.96 -19.01
CA GLN A 94 -11.07 3.27 -18.57
C GLN A 94 -11.50 2.41 -17.41
N GLU A 95 -11.41 1.07 -17.53
CA GLU A 95 -11.90 0.27 -16.41
C GLU A 95 -10.93 0.32 -15.23
N ALA A 96 -9.65 0.57 -15.49
CA ALA A 96 -8.71 0.74 -14.39
C ALA A 96 -9.05 1.98 -13.58
N SER A 97 -9.36 3.08 -14.28
CA SER A 97 -9.80 4.30 -13.61
C SER A 97 -11.10 4.07 -12.88
N GLU A 98 -12.03 3.36 -13.52
CA GLU A 98 -13.33 3.10 -12.91
C GLU A 98 -13.18 2.29 -11.63
N ALA A 99 -12.38 1.23 -11.64
CA ALA A 99 -12.25 0.38 -10.47
C ALA A 99 -11.42 1.06 -9.39
N TYR A 100 -10.43 1.86 -9.77
CA TYR A 100 -9.68 2.65 -8.80
C TYR A 100 -10.58 3.63 -8.08
N LEU A 101 -11.45 4.32 -8.84
CA LEU A 101 -12.42 5.18 -8.19
C LEU A 101 -13.46 4.39 -7.41
N VAL A 102 -13.77 3.17 -7.83
CA VAL A 102 -14.67 2.32 -7.04
C VAL A 102 -14.06 2.03 -5.68
N GLY A 103 -12.78 1.66 -5.66
CA GLY A 103 -12.11 1.44 -4.38
C GLY A 103 -12.03 2.69 -3.54
N LEU A 104 -11.72 3.82 -4.18
CA LEU A 104 -11.68 5.10 -3.47
C LEU A 104 -13.05 5.47 -2.92
N PHE A 105 -14.12 5.18 -3.67
CA PHE A 105 -15.46 5.56 -3.24
C PHE A 105 -15.98 4.64 -2.15
N GLU A 106 -15.64 3.35 -2.18
CA GLU A 106 -16.08 2.50 -1.08
C GLU A 106 -15.32 2.83 0.18
N ASP A 107 -14.04 3.20 0.06
CA ASP A 107 -13.30 3.70 1.21
C ASP A 107 -13.90 5.02 1.70
N THR A 108 -14.31 5.87 0.77
CA THR A 108 -14.97 7.12 1.08
C THR A 108 -16.27 6.89 1.84
N ASN A 109 -17.05 5.90 1.40
CA ASN A 109 -18.32 5.61 2.05
C ASN A 109 -18.08 4.99 3.42
N LEU A 110 -17.01 4.20 3.56
CA LEU A 110 -16.63 3.70 4.88
C LEU A 110 -16.28 4.84 5.83
N ALA A 111 -15.57 5.85 5.33
CA ALA A 111 -15.30 7.03 6.14
C ALA A 111 -16.57 7.78 6.46
N ALA A 112 -17.48 7.89 5.50
CA ALA A 112 -18.71 8.68 5.69
C ALA A 112 -19.64 8.01 6.69
N ILE A 113 -19.80 6.69 6.60
CA ILE A 113 -20.60 5.99 7.60
C ILE A 113 -19.85 5.92 8.93
N HIS A 114 -18.52 5.99 8.88
CA HIS A 114 -17.76 6.13 10.12
C HIS A 114 -17.96 7.51 10.71
N ALA A 115 -18.14 8.50 9.84
CA ALA A 115 -18.57 9.83 10.25
C ALA A 115 -20.09 9.93 10.37
N LYS A 116 -20.78 8.79 10.40
CA LYS A 116 -22.22 8.68 10.63
C LYS A 116 -23.05 9.39 9.57
N ARG A 117 -22.58 9.38 8.31
CA ARG A 117 -23.22 10.13 7.25
C ARG A 117 -23.56 9.24 6.06
N VAL A 118 -24.50 9.74 5.24
CA VAL A 118 -24.80 9.15 3.95
C VAL A 118 -24.36 10.04 2.80
N THR A 119 -24.06 11.31 3.06
CA THR A 119 -23.61 12.24 2.04
C THR A 119 -22.10 12.37 2.14
N ILE A 120 -21.40 11.88 1.12
CA ILE A 120 -19.95 11.96 1.11
C ILE A 120 -19.51 13.37 0.75
N MET A 121 -18.40 13.81 1.35
CA MET A 121 -17.85 15.14 1.22
C MET A 121 -16.34 15.03 1.02
N PRO A 122 -15.68 16.06 0.49
CA PRO A 122 -14.26 15.92 0.09
C PRO A 122 -13.29 15.49 1.20
N LYS A 123 -13.58 15.83 2.46
CA LYS A 123 -12.71 15.38 3.55
C LYS A 123 -12.68 13.86 3.67
N ASP A 124 -13.76 13.17 3.27
CA ASP A 124 -13.74 11.71 3.20
C ASP A 124 -12.66 11.21 2.24
N ILE A 125 -12.62 11.76 1.03
CA ILE A 125 -11.68 11.32 0.01
C ILE A 125 -10.26 11.71 0.41
N GLN A 126 -10.09 12.90 0.98
CA GLN A 126 -8.78 13.33 1.45
C GLN A 126 -8.27 12.41 2.56
N LEU A 127 -9.15 12.02 3.48
CA LEU A 127 -8.79 11.08 4.53
C LEU A 127 -8.39 9.73 3.93
N ALA A 128 -9.16 9.25 2.96
CA ALA A 128 -8.86 7.97 2.32
C ALA A 128 -7.52 8.00 1.60
N ARG A 129 -7.26 9.08 0.87
CA ARG A 129 -6.00 9.23 0.17
C ARG A 129 -4.82 9.29 1.12
N ARG A 130 -4.94 10.09 2.19
CA ARG A 130 -3.80 10.33 3.05
C ARG A 130 -3.54 9.13 3.96
N ILE A 131 -4.58 8.44 4.41
CA ILE A 131 -4.38 7.21 5.18
C ILE A 131 -3.85 6.10 4.29
N ARG A 132 -4.39 5.99 3.07
CA ARG A 132 -3.88 5.00 2.13
C ARG A 132 -2.46 5.32 1.68
N GLY A 133 -2.07 6.60 1.72
CA GLY A 133 -0.72 6.96 1.38
C GLY A 133 -0.58 7.75 0.10
N GLU A 134 -1.51 8.64 -0.19
CA GLU A 134 -1.43 9.44 -1.42
C GLU A 134 -1.03 10.88 -1.09
N LYS B 21 -6.58 19.81 -33.24
CA LYS B 21 -5.65 18.80 -32.76
C LYS B 21 -5.33 19.01 -31.29
N VAL B 22 -5.18 20.27 -30.89
CA VAL B 22 -4.93 20.61 -29.49
C VAL B 22 -6.20 20.39 -28.69
N LEU B 23 -6.05 19.80 -27.50
CA LEU B 23 -7.17 19.44 -26.65
C LEU B 23 -7.08 20.22 -25.35
N ARG B 24 -8.20 20.81 -24.92
CA ARG B 24 -8.16 21.92 -23.98
C ARG B 24 -8.84 21.63 -22.65
N ASP B 25 -10.09 21.18 -22.66
CA ASP B 25 -10.90 21.10 -21.45
C ASP B 25 -11.64 19.78 -21.36
N ASN B 26 -10.94 18.68 -21.60
CA ASN B 26 -11.57 17.37 -21.64
C ASN B 26 -11.67 16.71 -20.27
N ILE B 27 -11.18 17.37 -19.21
CA ILE B 27 -11.43 16.88 -17.86
C ILE B 27 -12.91 16.97 -17.53
N GLN B 28 -13.61 17.95 -18.10
CA GLN B 28 -15.05 18.00 -18.00
C GLN B 28 -15.73 17.01 -18.93
N GLY B 29 -14.97 16.37 -19.84
CA GLY B 29 -15.52 15.31 -20.66
C GLY B 29 -15.96 14.08 -19.88
N ILE B 30 -15.35 13.83 -18.73
CA ILE B 30 -15.85 12.82 -17.80
C ILE B 30 -16.98 13.51 -17.04
N THR B 31 -18.21 13.20 -17.42
CA THR B 31 -19.35 13.97 -16.97
C THR B 31 -19.65 13.71 -15.51
N LYS B 32 -20.30 14.70 -14.89
CA LYS B 32 -20.83 14.54 -13.53
C LYS B 32 -21.79 13.35 -13.38
N PRO B 33 -22.77 13.11 -14.27
CA PRO B 33 -23.57 11.88 -14.14
C PRO B 33 -22.76 10.60 -14.27
N ALA B 34 -21.66 10.60 -15.03
CA ALA B 34 -20.78 9.43 -15.05
C ALA B 34 -20.16 9.19 -13.69
N ILE B 35 -19.78 10.28 -13.00
CA ILE B 35 -19.27 10.18 -11.64
C ILE B 35 -20.35 9.62 -10.72
N ARG B 36 -21.61 10.06 -10.92
CA ARG B 36 -22.70 9.52 -10.12
C ARG B 36 -22.91 8.04 -10.38
N ARG B 37 -22.78 7.61 -11.64
CA ARG B 37 -22.88 6.19 -11.98
C ARG B 37 -21.79 5.38 -11.28
N LEU B 38 -20.56 5.90 -11.29
CA LEU B 38 -19.47 5.23 -10.60
C LEU B 38 -19.71 5.14 -9.11
N ALA B 39 -20.25 6.21 -8.52
CA ALA B 39 -20.56 6.20 -7.10
C ALA B 39 -21.68 5.22 -6.77
N ARG B 40 -22.62 5.04 -7.70
CA ARG B 40 -23.60 3.96 -7.56
C ARG B 40 -22.90 2.60 -7.59
N ARG B 41 -21.94 2.42 -8.48
CA ARG B 41 -21.15 1.20 -8.47
C ARG B 41 -20.30 1.12 -7.20
N GLY B 42 -19.84 2.26 -6.70
CA GLY B 42 -19.22 2.29 -5.40
C GLY B 42 -20.17 2.23 -4.25
N GLY B 43 -21.48 2.27 -4.52
CA GLY B 43 -22.47 2.15 -3.48
C GLY B 43 -22.73 3.42 -2.70
N VAL B 44 -22.41 4.58 -3.25
CA VAL B 44 -22.61 5.84 -2.57
C VAL B 44 -24.07 6.24 -2.70
N LYS B 45 -24.70 6.55 -1.56
CA LYS B 45 -26.09 6.98 -1.55
C LYS B 45 -26.25 8.44 -1.97
N ARG B 46 -25.49 9.34 -1.37
CA ARG B 46 -25.65 10.77 -1.62
C ARG B 46 -24.31 11.38 -1.96
N ILE B 47 -24.26 12.12 -3.06
CA ILE B 47 -23.02 12.62 -3.65
C ILE B 47 -23.07 14.14 -3.63
N SER B 48 -22.16 14.76 -2.88
CA SER B 48 -22.17 16.22 -2.80
C SER B 48 -21.68 16.82 -4.12
N GLY B 49 -21.98 18.12 -4.29
CA GLY B 49 -21.57 18.82 -5.49
C GLY B 49 -20.08 19.04 -5.59
N LEU B 50 -19.39 19.10 -4.46
CA LEU B 50 -17.94 19.26 -4.44
C LEU B 50 -17.21 17.96 -4.74
N ILE B 51 -17.92 16.84 -4.77
CA ILE B 51 -17.30 15.54 -4.98
C ILE B 51 -16.75 15.44 -6.40
N TYR B 52 -17.47 16.01 -7.37
CA TYR B 52 -17.18 15.75 -8.78
C TYR B 52 -15.86 16.38 -9.21
N GLU B 53 -15.62 17.64 -8.85
CA GLU B 53 -14.40 18.32 -9.30
C GLU B 53 -13.18 17.80 -8.54
N GLU B 54 -13.35 17.50 -7.25
CA GLU B 54 -12.29 16.84 -6.49
C GLU B 54 -11.93 15.50 -7.10
N THR B 55 -12.96 14.74 -7.49
CA THR B 55 -12.78 13.46 -8.14
C THR B 55 -12.04 13.63 -9.45
N ARG B 56 -12.39 14.67 -10.22
CA ARG B 56 -11.69 14.97 -11.46
C ARG B 56 -10.22 15.25 -11.21
N GLY B 57 -9.91 16.03 -10.18
CA GLY B 57 -8.53 16.30 -9.86
C GLY B 57 -7.77 15.07 -9.39
N VAL B 58 -8.43 14.23 -8.58
CA VAL B 58 -7.78 13.04 -8.06
C VAL B 58 -7.48 12.06 -9.19
N LEU B 59 -8.46 11.82 -10.07
CA LEU B 59 -8.21 10.96 -11.21
C LEU B 59 -7.21 11.59 -12.16
N LYS B 60 -7.19 12.92 -12.23
CA LYS B 60 -6.19 13.59 -13.05
C LYS B 60 -4.80 13.28 -12.56
N VAL B 61 -4.56 13.41 -11.26
CA VAL B 61 -3.24 13.14 -10.70
C VAL B 61 -2.88 11.67 -10.86
N PHE B 62 -3.85 10.78 -10.60
CA PHE B 62 -3.62 9.34 -10.70
C PHE B 62 -3.27 8.92 -12.12
N LEU B 63 -4.09 9.30 -13.08
CA LEU B 63 -3.83 8.95 -14.47
C LEU B 63 -2.61 9.68 -15.03
N GLU B 64 -2.28 10.86 -14.49
CA GLU B 64 -1.02 11.50 -14.87
C GLU B 64 0.17 10.65 -14.45
N ASN B 65 0.13 10.11 -13.24
CA ASN B 65 1.21 9.23 -12.80
C ASN B 65 1.27 7.98 -13.67
N VAL B 66 0.10 7.40 -13.96
CA VAL B 66 0.04 6.18 -14.76
C VAL B 66 0.54 6.43 -16.18
N ILE B 67 0.16 7.55 -16.78
CA ILE B 67 0.57 7.82 -18.15
C ILE B 67 2.03 8.23 -18.19
N ARG B 68 2.54 8.85 -17.12
CA ARG B 68 3.96 9.13 -17.05
C ARG B 68 4.77 7.85 -17.08
N ASP B 69 4.37 6.88 -16.27
CA ASP B 69 5.05 5.60 -16.26
C ASP B 69 4.91 4.88 -17.59
N ALA B 70 3.71 4.86 -18.17
CA ALA B 70 3.47 4.07 -19.37
C ALA B 70 4.12 4.71 -20.60
N VAL B 71 4.13 6.04 -20.66
CA VAL B 71 4.88 6.68 -21.72
C VAL B 71 6.36 6.39 -21.57
N THR B 72 6.90 6.52 -20.36
CA THR B 72 8.32 6.22 -20.11
C THR B 72 8.68 4.80 -20.56
N TYR B 73 7.77 3.86 -20.34
CA TYR B 73 7.85 2.55 -20.99
C TYR B 73 7.93 2.68 -22.51
N THR B 74 7.09 3.55 -23.09
CA THR B 74 6.99 3.61 -24.55
C THR B 74 8.26 4.19 -25.19
N GLU B 75 8.78 5.32 -24.69
CA GLU B 75 10.00 5.82 -25.32
C GLU B 75 11.21 4.98 -24.91
N HIS B 76 11.15 4.27 -23.78
CA HIS B 76 12.25 3.35 -23.50
C HIS B 76 12.25 2.20 -24.50
N ALA B 77 11.07 1.83 -25.01
CA ALA B 77 10.98 0.82 -26.04
C ALA B 77 11.23 1.39 -27.44
N LYS B 78 11.51 2.70 -27.54
CA LYS B 78 11.65 3.41 -28.81
C LYS B 78 10.41 3.26 -29.68
N ARG B 79 9.24 3.28 -29.04
CA ARG B 79 7.96 3.24 -29.71
C ARG B 79 7.24 4.59 -29.57
N LYS B 80 6.17 4.73 -30.33
CA LYS B 80 5.38 5.96 -30.33
C LYS B 80 3.93 5.73 -29.93
N THR B 81 3.40 4.53 -30.14
CA THR B 81 2.01 4.23 -29.82
C THR B 81 1.95 3.59 -28.44
N VAL B 82 1.06 4.09 -27.60
CA VAL B 82 0.90 3.55 -26.25
C VAL B 82 0.20 2.20 -26.33
N THR B 83 0.85 1.16 -25.82
CA THR B 83 0.32 -0.19 -25.85
C THR B 83 -0.25 -0.57 -24.48
N ALA B 84 -1.11 -1.59 -24.50
CA ALA B 84 -1.81 -1.99 -23.29
C ALA B 84 -0.90 -2.72 -22.31
N MET B 85 0.16 -3.37 -22.81
CA MET B 85 1.10 -4.04 -21.93
C MET B 85 1.82 -3.04 -21.04
N ASP B 86 2.19 -1.89 -21.61
CA ASP B 86 2.78 -0.82 -20.83
C ASP B 86 1.80 -0.29 -19.79
N VAL B 87 0.52 -0.24 -20.15
CA VAL B 87 -0.53 0.14 -19.20
C VAL B 87 -0.57 -0.84 -18.03
N VAL B 88 -0.48 -2.13 -18.33
CA VAL B 88 -0.49 -3.15 -17.28
C VAL B 88 0.73 -3.01 -16.37
N TYR B 89 1.91 -2.80 -16.96
CA TYR B 89 3.12 -2.65 -16.16
C TYR B 89 3.05 -1.41 -15.27
N ALA B 90 2.55 -0.30 -15.82
CA ALA B 90 2.44 0.93 -15.06
C ALA B 90 1.43 0.81 -13.92
N LEU B 91 0.33 0.09 -14.18
CA LEU B 91 -0.67 -0.10 -13.13
C LEU B 91 -0.15 -1.00 -12.04
N LYS B 92 0.56 -2.08 -12.41
CA LYS B 92 1.00 -3.04 -11.41
C LYS B 92 2.19 -2.51 -10.63
N ARG B 93 2.96 -1.57 -11.20
CA ARG B 93 4.03 -0.97 -10.44
C ARG B 93 3.51 0.03 -9.41
N GLN B 94 2.25 0.46 -9.55
CA GLN B 94 1.59 1.23 -8.51
C GLN B 94 0.73 0.36 -7.61
N GLY B 95 0.87 -0.96 -7.71
CA GLY B 95 0.08 -1.86 -6.88
C GLY B 95 -1.37 -1.95 -7.28
N ARG B 96 -1.67 -1.80 -8.56
CA ARG B 96 -3.04 -1.81 -9.08
C ARG B 96 -3.13 -2.74 -10.28
N THR B 97 -2.63 -3.97 -10.09
CA THR B 97 -2.45 -4.93 -11.18
C THR B 97 -3.77 -5.29 -11.86
N LEU B 98 -3.75 -5.25 -13.19
CA LEU B 98 -4.93 -5.50 -14.02
C LEU B 98 -4.70 -6.77 -14.84
N TYR B 99 -5.74 -7.59 -14.93
CA TYR B 99 -5.68 -8.84 -15.70
C TYR B 99 -6.38 -8.69 -17.04
N GLY B 100 -6.01 -9.57 -17.97
CA GLY B 100 -6.74 -9.72 -19.21
C GLY B 100 -6.15 -8.99 -20.40
N PHE B 101 -4.91 -8.51 -20.31
CA PHE B 101 -4.35 -7.66 -21.35
C PHE B 101 -2.93 -8.11 -21.71
N GLY B 102 -2.74 -9.42 -21.81
CA GLY B 102 -1.47 -9.95 -22.25
C GLY B 102 -0.37 -9.93 -21.21
N GLY B 103 -0.69 -9.64 -19.95
CA GLY B 103 0.30 -9.62 -18.90
C GLY B 103 0.80 -11.00 -18.57
N ALA C 28 54.50 -6.08 -18.59
CA ALA C 28 54.37 -4.71 -19.05
C ALA C 28 52.96 -4.19 -18.79
N ARG C 29 52.34 -4.66 -17.71
CA ARG C 29 51.00 -4.24 -17.36
C ARG C 29 51.00 -2.79 -16.86
N ALA C 30 50.04 -2.01 -17.34
CA ALA C 30 49.93 -0.62 -16.95
C ALA C 30 49.37 -0.51 -15.53
N LYS C 31 49.44 0.71 -15.00
CA LYS C 31 48.92 0.97 -13.66
C LYS C 31 47.40 0.87 -13.64
N ALA C 32 46.90 0.00 -12.77
CA ALA C 32 45.46 -0.25 -12.66
C ALA C 32 44.82 0.79 -11.76
N LYS C 33 44.04 1.70 -12.35
CA LYS C 33 43.31 2.68 -11.57
C LYS C 33 41.95 2.10 -11.19
N THR C 34 41.05 2.93 -10.68
CA THR C 34 39.73 2.48 -10.27
C THR C 34 38.66 3.23 -11.04
N ARG C 35 37.57 2.52 -11.33
CA ARG C 35 36.50 3.10 -12.15
C ARG C 35 35.76 4.21 -11.41
N SER C 36 35.71 4.15 -10.08
CA SER C 36 35.13 5.25 -9.32
C SER C 36 35.96 6.52 -9.46
N SER C 37 37.29 6.37 -9.43
CA SER C 37 38.16 7.52 -9.68
C SER C 37 38.10 7.96 -11.14
N ARG C 38 37.89 6.99 -12.04
CA ARG C 38 37.75 7.33 -13.47
C ARG C 38 36.48 8.14 -13.70
N ALA C 39 35.42 7.84 -12.97
CA ALA C 39 34.26 8.70 -12.94
C ALA C 39 34.39 9.82 -11.91
N GLY C 40 35.51 9.87 -11.19
CA GLY C 40 35.68 10.87 -10.16
C GLY C 40 34.74 10.73 -8.99
N LEU C 41 34.30 9.52 -8.70
CA LEU C 41 33.24 9.28 -7.74
C LEU C 41 33.75 8.41 -6.59
N GLN C 42 32.91 8.26 -5.57
CA GLN C 42 33.33 7.60 -4.35
C GLN C 42 32.74 6.20 -4.18
N PHE C 43 31.55 5.95 -4.70
CA PHE C 43 30.98 4.61 -4.59
C PHE C 43 31.72 3.64 -5.50
N PRO C 44 31.95 2.40 -5.05
CA PRO C 44 32.71 1.44 -5.84
C PRO C 44 31.93 0.96 -7.05
N VAL C 45 32.37 1.40 -8.24
CA VAL C 45 31.75 0.97 -9.48
C VAL C 45 31.95 -0.53 -9.67
N GLY C 46 33.13 -1.04 -9.31
CA GLY C 46 33.40 -2.46 -9.42
C GLY C 46 32.51 -3.31 -8.54
N ARG C 47 32.28 -2.86 -7.30
CA ARG C 47 31.42 -3.62 -6.40
C ARG C 47 29.97 -3.62 -6.89
N VAL C 48 29.48 -2.49 -7.39
CA VAL C 48 28.10 -2.41 -7.86
C VAL C 48 27.91 -3.27 -9.10
N HIS C 49 28.87 -3.22 -10.04
CA HIS C 49 28.79 -4.06 -11.23
C HIS C 49 28.87 -5.54 -10.87
N ARG C 50 29.73 -5.88 -9.90
CA ARG C 50 29.81 -7.25 -9.41
C ARG C 50 28.49 -7.72 -8.81
N LEU C 51 27.87 -6.88 -7.98
CA LEU C 51 26.63 -7.26 -7.31
C LEU C 51 25.47 -7.35 -8.29
N LEU C 52 25.50 -6.56 -9.36
CA LEU C 52 24.48 -6.71 -10.38
C LEU C 52 24.71 -7.95 -11.23
N ARG C 53 25.96 -8.30 -11.52
CA ARG C 53 26.22 -9.53 -12.28
C ARG C 53 25.85 -10.76 -11.48
N LYS C 54 26.06 -10.72 -10.17
CA LYS C 54 25.69 -11.87 -9.34
C LYS C 54 24.36 -11.69 -8.63
N GLY C 55 23.67 -10.57 -8.81
CA GLY C 55 22.32 -10.43 -8.32
C GLY C 55 21.24 -10.96 -9.23
N ASN C 56 21.63 -11.36 -10.45
CA ASN C 56 20.75 -12.03 -11.43
C ASN C 56 19.56 -11.14 -11.80
N TYR C 57 19.86 -10.03 -12.45
CA TYR C 57 18.83 -9.14 -13.00
C TYR C 57 18.90 -9.03 -14.51
N SER C 58 20.06 -9.34 -15.10
CA SER C 58 20.20 -9.45 -16.54
C SER C 58 21.37 -10.37 -16.82
N GLU C 59 21.46 -10.82 -18.08
CA GLU C 59 22.57 -11.67 -18.47
C GLU C 59 23.86 -10.87 -18.64
N ARG C 60 23.76 -9.68 -19.21
CA ARG C 60 24.89 -8.77 -19.33
C ARG C 60 24.49 -7.45 -18.67
N VAL C 61 25.49 -6.64 -18.35
CA VAL C 61 25.27 -5.31 -17.79
C VAL C 61 25.93 -4.31 -18.73
N GLY C 62 25.19 -3.27 -19.10
CA GLY C 62 25.73 -2.28 -20.00
C GLY C 62 26.88 -1.51 -19.38
N ALA C 63 27.68 -0.90 -20.26
CA ALA C 63 28.92 -0.28 -19.82
C ALA C 63 28.66 0.93 -18.92
N GLY C 64 27.70 1.76 -19.28
CA GLY C 64 27.39 2.91 -18.45
C GLY C 64 26.43 2.64 -17.32
N ALA C 65 25.86 1.44 -17.27
CA ALA C 65 24.84 1.14 -16.25
C ALA C 65 25.37 1.21 -14.82
N PRO C 66 26.48 0.55 -14.43
CA PRO C 66 26.89 0.65 -13.02
C PRO C 66 27.44 2.02 -12.67
N VAL C 67 28.09 2.70 -13.61
CA VAL C 67 28.59 4.05 -13.37
C VAL C 67 27.42 4.99 -13.12
N TYR C 68 26.38 4.88 -13.96
CA TYR C 68 25.21 5.73 -13.81
C TYR C 68 24.47 5.41 -12.52
N LEU C 69 24.33 4.12 -12.19
CA LEU C 69 23.68 3.72 -10.95
C LEU C 69 24.43 4.24 -9.73
N ALA C 70 25.76 4.12 -9.75
CA ALA C 70 26.57 4.58 -8.64
C ALA C 70 26.51 6.09 -8.51
N ALA C 71 26.43 6.79 -9.64
CA ALA C 71 26.31 8.24 -9.61
C ALA C 71 24.98 8.66 -8.99
N VAL C 72 23.90 7.97 -9.35
CA VAL C 72 22.59 8.25 -8.77
C VAL C 72 22.61 7.98 -7.27
N LEU C 73 23.16 6.83 -6.87
CA LEU C 73 23.20 6.46 -5.47
C LEU C 73 24.05 7.44 -4.66
N GLU C 74 25.18 7.87 -5.23
CA GLU C 74 26.04 8.82 -4.53
C GLU C 74 25.39 10.19 -4.43
N TYR C 75 24.68 10.61 -5.47
CA TYR C 75 24.02 11.91 -5.41
C TYR C 75 22.92 11.91 -4.33
N LEU C 76 22.13 10.83 -4.28
CA LEU C 76 21.12 10.69 -3.25
C LEU C 76 21.74 10.63 -1.85
N THR C 77 22.85 9.89 -1.74
CA THR C 77 23.55 9.79 -0.46
C THR C 77 24.13 11.14 -0.07
N ALA C 78 24.56 11.92 -1.06
CA ALA C 78 25.11 13.24 -0.81
C ALA C 78 24.06 14.19 -0.26
N GLU C 79 22.87 14.21 -0.87
CA GLU C 79 21.80 15.05 -0.34
C GLU C 79 21.40 14.59 1.06
N ILE C 80 21.26 13.30 1.29
CA ILE C 80 20.75 12.88 2.58
C ILE C 80 21.80 13.06 3.68
N LEU C 81 23.10 12.95 3.32
CA LEU C 81 24.14 13.21 4.30
C LEU C 81 24.27 14.70 4.59
N GLU C 82 24.07 15.54 3.56
CA GLU C 82 24.06 16.98 3.79
C GLU C 82 22.91 17.38 4.69
N LEU C 83 21.73 16.80 4.45
CA LEU C 83 20.57 17.06 5.30
C LEU C 83 20.81 16.56 6.73
N ALA C 84 21.46 15.40 6.86
CA ALA C 84 21.76 14.87 8.18
C ALA C 84 22.73 15.77 8.93
N GLY C 85 23.78 16.24 8.26
CA GLY C 85 24.73 17.14 8.90
C GLY C 85 24.11 18.47 9.26
N ASN C 86 23.25 19.00 8.39
CA ASN C 86 22.55 20.25 8.69
C ASN C 86 21.61 20.08 9.88
N ALA C 87 20.89 18.95 9.94
CA ALA C 87 19.98 18.72 11.05
C ALA C 87 20.73 18.51 12.35
N ALA C 88 21.89 17.84 12.30
CA ALA C 88 22.71 17.65 13.48
C ALA C 88 23.27 18.99 13.97
N ARG C 89 23.72 19.84 13.04
CA ARG C 89 24.21 21.15 13.40
C ARG C 89 23.10 22.02 13.98
N ASP C 90 21.89 21.91 13.42
CA ASP C 90 20.73 22.60 13.99
C ASP C 90 20.40 22.08 15.37
N ASN C 91 20.63 20.79 15.61
CA ASN C 91 20.47 20.20 16.93
C ASN C 91 21.72 20.31 17.78
N LYS C 92 22.67 21.18 17.37
CA LYS C 92 23.95 21.46 18.04
C LYS C 92 24.73 20.19 18.41
N LYS C 93 24.61 19.15 17.59
CA LYS C 93 25.39 17.92 17.76
C LYS C 93 26.30 17.72 16.56
N THR C 94 27.52 17.24 16.83
CA THR C 94 28.52 17.09 15.79
C THR C 94 28.61 15.67 15.26
N ARG C 95 27.72 14.78 15.66
CA ARG C 95 27.73 13.39 15.21
C ARG C 95 26.31 13.01 14.81
N ILE C 96 26.18 12.27 13.71
CA ILE C 96 24.86 11.93 13.19
C ILE C 96 24.21 10.86 14.05
N ILE C 97 22.97 11.12 14.48
CA ILE C 97 22.18 10.13 15.19
C ILE C 97 20.96 9.82 14.34
N PRO C 98 20.32 8.66 14.50
CA PRO C 98 19.17 8.31 13.65
C PRO C 98 17.98 9.25 13.79
N ARG C 99 17.87 9.97 14.91
CA ARG C 99 16.87 11.03 15.02
C ARG C 99 17.05 12.07 13.94
N HIS C 100 18.29 12.49 13.70
CA HIS C 100 18.60 13.43 12.64
C HIS C 100 18.23 12.87 11.27
N LEU C 101 18.46 11.57 11.07
CA LEU C 101 18.14 10.94 9.78
C LEU C 101 16.64 10.93 9.53
N GLN C 102 15.86 10.61 10.55
CA GLN C 102 14.39 10.60 10.39
C GLN C 102 13.87 12.00 10.14
N LEU C 103 14.40 12.99 10.88
CA LEU C 103 13.97 14.37 10.71
C LEU C 103 14.36 14.90 9.33
N ALA C 104 15.48 14.41 8.80
CA ALA C 104 15.91 14.84 7.46
C ALA C 104 15.06 14.18 6.37
N ILE C 105 14.81 12.87 6.49
CA ILE C 105 14.09 12.15 5.45
C ILE C 105 12.63 12.59 5.40
N ARG C 106 11.97 12.62 6.56
CA ARG C 106 10.54 12.88 6.58
C ARG C 106 10.20 14.33 6.26
N ASN C 107 11.16 15.24 6.35
CA ASN C 107 10.90 16.63 6.02
C ASN C 107 11.20 16.97 4.57
N ASP C 108 11.69 16.03 3.78
CA ASP C 108 11.80 16.20 2.34
C ASP C 108 10.66 15.43 1.69
N GLU C 109 9.85 16.12 0.89
CA GLU C 109 8.64 15.53 0.30
C GLU C 109 8.96 14.40 -0.65
N GLU C 110 9.97 14.58 -1.51
CA GLU C 110 10.27 13.55 -2.49
C GLU C 110 10.93 12.33 -1.85
N LEU C 111 11.76 12.55 -0.82
CA LEU C 111 12.33 11.42 -0.10
C LEU C 111 11.28 10.74 0.77
N ASN C 112 10.30 11.50 1.26
CA ASN C 112 9.17 10.91 1.96
C ASN C 112 8.37 10.02 1.03
N LYS C 113 8.15 10.46 -0.20
CA LYS C 113 7.49 9.62 -1.19
C LYS C 113 8.38 8.45 -1.59
N LEU C 114 9.70 8.61 -1.48
CA LEU C 114 10.59 7.47 -1.69
C LEU C 114 10.50 6.47 -0.54
N LEU C 115 10.49 6.97 0.69
CA LEU C 115 10.63 6.13 1.88
C LEU C 115 9.42 6.23 2.82
N GLY C 116 8.21 6.20 2.25
CA GLY C 116 7.02 6.28 3.09
C GLY C 116 6.82 5.04 3.95
N ARG C 117 7.03 3.85 3.36
CA ARG C 117 6.80 2.59 4.05
C ARG C 117 8.08 2.03 4.64
N VAL C 118 9.06 2.89 4.93
CA VAL C 118 10.37 2.46 5.38
C VAL C 118 10.52 2.74 6.87
N THR C 119 10.95 1.71 7.61
CA THR C 119 11.07 1.78 9.06
C THR C 119 12.50 2.14 9.43
N ILE C 120 12.66 3.15 10.29
CA ILE C 120 13.97 3.59 10.75
C ILE C 120 14.15 3.10 12.18
N ALA C 121 15.29 2.47 12.46
CA ALA C 121 15.56 2.02 13.82
C ALA C 121 16.04 3.18 14.68
N GLN C 122 15.36 3.38 15.81
CA GLN C 122 15.66 4.41 16.82
C GLN C 122 15.67 5.82 16.24
N GLY C 123 14.92 6.06 15.16
CA GLY C 123 14.89 7.39 14.58
C GLY C 123 13.86 8.30 15.20
N GLY C 124 12.91 7.74 15.93
CA GLY C 124 11.83 8.57 16.44
C GLY C 124 10.85 8.92 15.35
N VAL C 125 10.01 9.92 15.64
CA VAL C 125 8.97 10.36 14.72
C VAL C 125 9.10 11.87 14.52
N LEU C 126 8.41 12.37 13.51
CA LEU C 126 8.28 13.81 13.37
C LEU C 126 7.52 14.39 14.54
N PRO C 127 7.86 15.61 14.98
CA PRO C 127 6.94 16.33 15.88
C PRO C 127 5.70 16.72 15.09
N ASN C 128 4.61 16.02 15.35
CA ASN C 128 3.43 16.14 14.51
C ASN C 128 2.20 16.14 15.39
N ILE C 129 1.61 17.31 15.59
CA ILE C 129 0.41 17.45 16.41
C ILE C 129 -0.65 18.11 15.54
N GLN C 130 -1.88 17.65 15.65
CA GLN C 130 -2.95 18.27 14.88
C GLN C 130 -3.45 19.52 15.56
N ALA C 131 -4.05 20.42 14.78
CA ALA C 131 -4.50 21.70 15.31
C ALA C 131 -5.66 21.53 16.29
N VAL C 132 -6.51 20.52 16.07
CA VAL C 132 -7.55 20.22 17.03
C VAL C 132 -6.95 19.67 18.32
N LEU C 133 -5.78 19.05 18.25
CA LEU C 133 -5.13 18.53 19.44
C LEU C 133 -4.48 19.61 20.28
N LEU C 134 -4.18 20.76 19.69
CA LEU C 134 -3.62 21.86 20.46
C LEU C 134 -4.74 22.69 21.09
N PRO C 135 -4.53 23.18 22.30
CA PRO C 135 -5.59 23.96 22.97
C PRO C 135 -5.70 25.36 22.40
N LYS C 136 -6.72 26.08 22.86
CA LYS C 136 -6.96 27.45 22.44
C LYS C 136 -5.92 28.39 23.06
N LYS D 31 41.55 -14.48 12.73
CA LYS D 31 40.64 -13.50 12.15
C LYS D 31 39.38 -14.17 11.62
N ARG D 32 38.60 -13.42 10.86
CA ARG D 32 37.39 -13.91 10.21
C ARG D 32 37.40 -13.48 8.76
N SER D 33 36.43 -13.99 8.00
CA SER D 33 36.29 -13.59 6.61
C SER D 33 35.82 -12.14 6.53
N ARG D 34 36.20 -11.45 5.46
CA ARG D 34 35.83 -10.05 5.32
C ARG D 34 34.37 -9.93 4.88
N LYS D 35 33.62 -9.11 5.60
CA LYS D 35 32.21 -8.86 5.30
C LYS D 35 32.12 -7.46 4.71
N GLU D 36 31.88 -7.38 3.41
CA GLU D 36 31.85 -6.08 2.74
C GLU D 36 30.61 -5.28 3.12
N SER D 37 30.82 -3.98 3.30
CA SER D 37 29.74 -3.05 3.59
C SER D 37 30.09 -1.71 2.96
N TYR D 38 29.24 -0.73 3.20
CA TYR D 38 29.40 0.58 2.58
C TYR D 38 29.86 1.65 3.55
N SER D 39 30.73 1.32 4.49
CA SER D 39 31.14 2.29 5.49
C SER D 39 32.00 3.40 4.89
N VAL D 40 33.12 3.03 4.26
CA VAL D 40 34.14 4.00 3.91
C VAL D 40 33.65 4.97 2.83
N TYR D 41 32.78 4.51 1.93
CA TYR D 41 32.32 5.36 0.85
C TYR D 41 31.34 6.40 1.39
N VAL D 42 30.45 5.99 2.28
CA VAL D 42 29.56 6.91 2.98
C VAL D 42 30.37 7.89 3.82
N TYR D 43 31.47 7.41 4.41
CA TYR D 43 32.34 8.28 5.21
C TYR D 43 32.97 9.37 4.34
N LYS D 44 33.46 8.97 3.16
CA LYS D 44 34.06 9.93 2.24
C LYS D 44 33.05 10.94 1.73
N VAL D 45 31.85 10.47 1.36
CA VAL D 45 30.82 11.38 0.87
C VAL D 45 30.36 12.32 1.96
N LEU D 46 30.32 11.84 3.21
CA LEU D 46 30.00 12.70 4.33
C LEU D 46 31.05 13.79 4.51
N LYS D 47 32.32 13.42 4.42
CA LYS D 47 33.37 14.44 4.50
C LYS D 47 33.37 15.37 3.31
N GLN D 48 32.89 14.92 2.15
CA GLN D 48 32.67 15.84 1.04
C GLN D 48 31.58 16.85 1.36
N VAL D 49 30.48 16.41 1.96
CA VAL D 49 29.38 17.34 2.20
C VAL D 49 29.56 18.04 3.55
N HIS D 50 30.26 17.41 4.49
CA HIS D 50 30.43 17.98 5.83
C HIS D 50 31.77 17.49 6.38
N PRO D 51 32.84 18.26 6.17
CA PRO D 51 34.14 17.89 6.77
C PRO D 51 34.13 17.96 8.30
N ASP D 52 33.23 18.74 8.88
CA ASP D 52 33.27 19.08 10.29
C ASP D 52 32.61 18.06 11.21
N THR D 53 31.66 17.27 10.73
CA THR D 53 30.82 16.48 11.61
C THR D 53 31.26 15.02 11.65
N GLY D 54 30.74 14.31 12.64
CA GLY D 54 30.92 12.87 12.76
C GLY D 54 29.64 12.11 12.46
N ILE D 55 29.75 10.79 12.57
CA ILE D 55 28.65 9.88 12.26
C ILE D 55 28.70 8.72 13.25
N SER D 56 27.52 8.21 13.63
CA SER D 56 27.44 7.04 14.49
C SER D 56 27.31 5.77 13.64
N SER D 57 27.69 4.64 14.25
CA SER D 57 27.66 3.37 13.54
C SER D 57 26.22 2.91 13.26
N LYS D 58 25.28 3.34 14.10
CA LYS D 58 23.88 3.01 13.86
C LYS D 58 23.35 3.76 12.64
N ALA D 59 23.70 5.04 12.53
CA ALA D 59 23.40 5.80 11.31
C ALA D 59 24.12 5.19 10.11
N MET D 60 25.34 4.66 10.32
CA MET D 60 26.05 3.95 9.26
C MET D 60 25.27 2.74 8.77
N GLY D 61 24.74 1.94 9.69
CA GLY D 61 23.96 0.79 9.30
C GLY D 61 22.66 1.18 8.62
N ILE D 62 22.04 2.27 9.07
CA ILE D 62 20.83 2.78 8.42
C ILE D 62 21.14 3.20 6.98
N MET D 63 22.27 3.86 6.77
CA MET D 63 22.66 4.24 5.42
C MET D 63 23.01 3.03 4.57
N ASN D 64 23.58 1.99 5.17
CA ASN D 64 23.82 0.77 4.42
C ASN D 64 22.52 0.12 4.01
N SER D 65 21.52 0.14 4.90
CA SER D 65 20.18 -0.34 4.56
C SER D 65 19.55 0.49 3.45
N PHE D 66 19.71 1.81 3.52
CA PHE D 66 19.26 2.71 2.44
C PHE D 66 19.89 2.38 1.10
N VAL D 67 21.22 2.28 1.05
CA VAL D 67 21.88 2.09 -0.23
C VAL D 67 21.58 0.70 -0.79
N ASN D 68 21.49 -0.32 0.09
CA ASN D 68 21.13 -1.65 -0.36
C ASN D 68 19.68 -1.71 -0.84
N ASP D 69 18.78 -1.03 -0.13
CA ASP D 69 17.36 -1.01 -0.48
C ASP D 69 17.13 -0.36 -1.83
N ILE D 70 17.69 0.84 -2.03
CA ILE D 70 17.50 1.53 -3.30
C ILE D 70 18.24 0.81 -4.42
N PHE D 71 19.38 0.19 -4.10
CA PHE D 71 20.10 -0.63 -5.07
C PHE D 71 19.24 -1.79 -5.57
N GLU D 72 18.56 -2.48 -4.65
CA GLU D 72 17.74 -3.62 -5.05
C GLU D 72 16.45 -3.16 -5.74
N ARG D 73 15.90 -2.02 -5.33
CA ARG D 73 14.72 -1.48 -6.03
C ARG D 73 15.05 -1.16 -7.49
N ILE D 74 16.14 -0.44 -7.72
CA ILE D 74 16.54 -0.07 -9.07
C ILE D 74 16.94 -1.30 -9.86
N ALA D 75 17.58 -2.28 -9.21
CA ALA D 75 17.96 -3.51 -9.88
C ALA D 75 16.74 -4.30 -10.34
N GLY D 76 15.72 -4.42 -9.48
CA GLY D 76 14.51 -5.12 -9.87
C GLY D 76 13.74 -4.40 -10.95
N GLU D 77 13.69 -3.06 -10.88
CA GLU D 77 13.02 -2.29 -11.91
C GLU D 77 13.73 -2.42 -13.25
N ALA D 78 15.06 -2.34 -13.25
CA ALA D 78 15.81 -2.47 -14.50
C ALA D 78 15.69 -3.88 -15.06
N SER D 79 15.60 -4.88 -14.17
CA SER D 79 15.34 -6.24 -14.63
C SER D 79 13.96 -6.34 -15.29
N ARG D 80 12.97 -5.67 -14.72
CA ARG D 80 11.63 -5.67 -15.32
C ARG D 80 11.63 -5.00 -16.69
N LEU D 81 12.36 -3.89 -16.83
CA LEU D 81 12.45 -3.23 -18.13
C LEU D 81 13.23 -4.05 -19.14
N ALA D 82 14.27 -4.76 -18.69
CA ALA D 82 14.96 -5.68 -19.59
C ALA D 82 14.04 -6.81 -20.02
N HIS D 83 13.15 -7.23 -19.12
CA HIS D 83 12.11 -8.19 -19.47
C HIS D 83 11.15 -7.65 -20.52
N TYR D 84 10.71 -6.40 -20.36
CA TYR D 84 9.65 -5.89 -21.22
C TYR D 84 10.19 -5.56 -22.60
N ASN D 85 11.46 -5.18 -22.66
CA ASN D 85 12.13 -4.88 -23.92
C ASN D 85 12.84 -6.09 -24.48
N LYS D 86 12.77 -7.23 -23.78
CA LYS D 86 13.36 -8.50 -24.19
C LYS D 86 14.87 -8.36 -24.38
N ARG D 87 15.50 -7.62 -23.49
CA ARG D 87 16.90 -7.27 -23.61
C ARG D 87 17.74 -8.17 -22.71
N SER D 88 18.78 -8.75 -23.30
CA SER D 88 19.74 -9.56 -22.55
C SER D 88 20.66 -8.71 -21.68
N THR D 89 20.65 -7.39 -21.84
CA THR D 89 21.58 -6.50 -21.17
C THR D 89 20.82 -5.33 -20.56
N ILE D 90 21.14 -5.02 -19.31
CA ILE D 90 20.69 -3.78 -18.68
C ILE D 90 21.78 -2.75 -18.87
N THR D 91 21.47 -1.66 -19.57
CA THR D 91 22.42 -0.58 -19.83
C THR D 91 21.99 0.67 -19.07
N SER D 92 22.73 1.75 -19.30
CA SER D 92 22.45 3.01 -18.61
C SER D 92 21.13 3.63 -19.08
N ARG D 93 20.67 3.27 -20.27
CA ARG D 93 19.33 3.64 -20.69
C ARG D 93 18.29 3.00 -19.78
N GLU D 94 18.48 1.71 -19.46
CA GLU D 94 17.57 1.01 -18.55
C GLU D 94 17.63 1.61 -17.15
N ILE D 95 18.82 1.95 -16.69
CA ILE D 95 18.97 2.51 -15.35
C ILE D 95 18.35 3.90 -15.30
N GLN D 96 18.51 4.69 -16.36
CA GLN D 96 17.90 6.02 -16.40
C GLN D 96 16.38 5.92 -16.42
N THR D 97 15.87 4.94 -17.17
CA THR D 97 14.44 4.69 -17.20
C THR D 97 13.93 4.30 -15.82
N ALA D 98 14.67 3.43 -15.12
CA ALA D 98 14.24 3.00 -13.79
C ALA D 98 14.31 4.15 -12.79
N VAL D 99 15.30 5.04 -12.93
CA VAL D 99 15.35 6.22 -12.08
C VAL D 99 14.13 7.09 -12.30
N ARG D 100 13.84 7.42 -13.56
CA ARG D 100 12.74 8.36 -13.82
C ARG D 100 11.38 7.73 -13.53
N LEU D 101 11.29 6.40 -13.59
CA LEU D 101 10.09 5.77 -13.05
C LEU D 101 10.04 5.87 -11.53
N LEU D 102 11.12 5.50 -10.85
CA LEU D 102 11.06 5.34 -9.40
C LEU D 102 11.25 6.66 -8.68
N LEU D 103 12.28 7.37 -9.01
CA LEU D 103 12.63 8.56 -8.26
C LEU D 103 11.73 9.73 -8.67
N PRO D 104 11.18 10.47 -7.71
CA PRO D 104 10.22 11.52 -8.05
C PRO D 104 10.87 12.84 -8.45
N GLY D 105 10.50 13.30 -9.64
CA GLY D 105 10.67 14.66 -10.13
C GLY D 105 12.04 15.30 -10.20
N GLU D 106 12.21 16.40 -9.46
CA GLU D 106 13.40 17.21 -9.63
C GLU D 106 14.66 16.55 -9.10
N LEU D 107 14.60 15.79 -8.01
CA LEU D 107 15.78 15.04 -7.60
C LEU D 107 16.13 13.99 -8.65
N ALA D 108 15.11 13.41 -9.29
CA ALA D 108 15.35 12.42 -10.34
C ALA D 108 16.03 13.04 -11.55
N LYS D 109 15.55 14.20 -12.01
CA LYS D 109 16.19 14.83 -13.15
C LYS D 109 17.58 15.33 -12.80
N HIS D 110 17.80 15.75 -11.54
CA HIS D 110 19.15 16.04 -11.11
C HIS D 110 20.04 14.81 -11.18
N ALA D 111 19.59 13.69 -10.58
CA ALA D 111 20.35 12.45 -10.60
C ALA D 111 20.66 12.02 -12.02
N VAL D 112 19.74 12.30 -12.95
CA VAL D 112 20.02 12.17 -14.38
C VAL D 112 21.19 13.07 -14.77
N SER D 113 21.20 14.32 -14.31
CA SER D 113 22.23 15.26 -14.73
C SER D 113 23.62 14.87 -14.23
N GLU D 114 23.76 14.58 -12.93
CA GLU D 114 25.07 14.13 -12.45
C GLU D 114 25.43 12.75 -12.96
N GLY D 115 24.45 11.86 -13.16
CA GLY D 115 24.77 10.57 -13.73
C GLY D 115 25.24 10.68 -15.17
N THR D 116 24.62 11.59 -15.93
CA THR D 116 25.03 11.85 -17.29
C THR D 116 26.41 12.46 -17.34
N LYS D 117 26.66 13.46 -16.48
CA LYS D 117 27.99 14.05 -16.39
C LYS D 117 29.03 13.02 -16.00
N ALA D 118 28.67 12.12 -15.08
CA ALA D 118 29.58 11.08 -14.63
C ALA D 118 29.88 10.08 -15.73
N VAL D 119 28.88 9.67 -16.50
CA VAL D 119 29.16 8.69 -17.55
C VAL D 119 29.87 9.34 -18.72
N THR D 120 29.70 10.66 -18.91
CA THR D 120 30.51 11.34 -19.91
C THR D 120 31.97 11.43 -19.49
N LYS D 121 32.24 11.85 -18.25
CA LYS D 121 33.64 12.02 -17.86
C LYS D 121 34.29 10.67 -17.55
N TYR D 122 33.49 9.63 -17.30
CA TYR D 122 34.02 8.28 -17.29
C TYR D 122 34.27 7.79 -18.71
N THR D 123 33.42 8.19 -19.64
CA THR D 123 33.60 7.83 -21.05
C THR D 123 34.87 8.45 -21.60
N SER D 124 35.19 9.66 -21.17
CA SER D 124 36.45 10.30 -21.50
C SER D 124 37.59 9.90 -20.57
N ALA D 125 37.42 8.81 -19.82
CA ALA D 125 38.41 8.26 -18.88
C ALA D 125 38.86 9.29 -17.84
N LYS E 38 -3.39 23.33 48.46
CA LYS E 38 -3.83 22.58 47.28
C LYS E 38 -2.66 22.27 46.36
N PRO E 39 -2.45 20.99 46.07
CA PRO E 39 -1.39 20.61 45.11
C PRO E 39 -1.70 21.14 43.72
N HIS E 40 -0.64 21.50 43.01
CA HIS E 40 -0.78 21.98 41.65
C HIS E 40 -1.05 20.80 40.72
N ARG E 41 -2.18 20.87 40.02
CA ARG E 41 -2.69 19.71 39.28
C ARG E 41 -3.03 20.18 37.87
N TYR E 42 -2.53 19.46 36.88
CA TYR E 42 -2.70 19.89 35.50
C TYR E 42 -4.06 19.47 34.96
N ARG E 43 -4.58 20.26 34.03
CA ARG E 43 -5.86 19.98 33.39
C ARG E 43 -5.72 18.73 32.51
N PRO E 44 -6.82 18.00 32.28
CA PRO E 44 -6.72 16.74 31.52
C PRO E 44 -6.24 16.95 30.10
N GLY E 45 -5.24 16.18 29.71
CA GLY E 45 -4.57 16.33 28.44
C GLY E 45 -3.27 17.10 28.50
N THR E 46 -3.10 17.98 29.51
CA THR E 46 -1.88 18.78 29.59
C THR E 46 -0.66 17.89 29.78
N VAL E 47 -0.73 16.96 30.73
CA VAL E 47 0.32 15.96 30.87
C VAL E 47 0.32 15.02 29.67
N ALA E 48 -0.86 14.74 29.11
CA ALA E 48 -0.91 13.86 27.93
C ALA E 48 -0.24 14.49 26.72
N LEU E 49 -0.53 15.77 26.46
CA LEU E 49 0.14 16.46 25.35
C LEU E 49 1.61 16.70 25.65
N ARG E 50 1.97 16.90 26.92
CA ARG E 50 3.39 17.00 27.26
C ARG E 50 4.10 15.68 27.00
N GLU E 51 3.45 14.56 27.32
CA GLU E 51 3.96 13.25 26.97
C GLU E 51 4.05 13.08 25.47
N ILE E 52 3.07 13.63 24.74
CA ILE E 52 3.08 13.55 23.28
C ILE E 52 4.31 14.25 22.72
N ARG E 53 4.57 15.46 23.20
CA ARG E 53 5.75 16.21 22.77
C ARG E 53 7.03 15.50 23.17
N ARG E 54 7.04 14.91 24.37
CA ARG E 54 8.23 14.22 24.87
C ARG E 54 8.55 12.99 24.03
N TYR E 55 7.55 12.15 23.80
CA TYR E 55 7.79 10.89 23.11
C TYR E 55 7.93 11.07 21.62
N GLN E 56 7.34 12.13 21.05
CA GLN E 56 7.71 12.50 19.69
C GLN E 56 9.14 13.04 19.64
N LYS E 57 9.57 13.75 20.68
CA LYS E 57 10.98 14.14 20.77
C LYS E 57 11.87 12.93 21.01
N SER E 58 11.41 11.97 21.82
CA SER E 58 12.23 10.84 22.19
C SER E 58 12.34 9.86 21.04
N THR E 59 13.40 9.04 21.08
CA THR E 59 13.62 8.01 20.09
C THR E 59 13.67 6.61 20.65
N GLU E 60 13.64 6.46 21.98
CA GLU E 60 13.86 5.16 22.60
C GLU E 60 12.61 4.30 22.52
N LEU E 61 12.79 3.02 22.87
CA LEU E 61 11.69 2.07 22.85
C LEU E 61 10.82 2.23 24.09
N LEU E 62 9.52 1.99 23.92
CA LEU E 62 8.56 2.12 25.01
C LEU E 62 8.10 0.79 25.58
N ILE E 63 8.53 -0.32 25.00
CA ILE E 63 8.15 -1.64 25.47
C ILE E 63 9.29 -2.20 26.31
N ARG E 64 8.95 -2.86 27.42
CA ARG E 64 9.94 -3.60 28.19
C ARG E 64 10.47 -4.76 27.35
N LYS E 65 11.78 -4.94 27.35
CA LYS E 65 12.40 -5.85 26.40
C LYS E 65 12.18 -7.31 26.79
N LEU E 66 12.22 -7.62 28.09
CA LEU E 66 12.18 -9.03 28.49
C LEU E 66 10.78 -9.63 28.50
N PRO E 67 9.71 -8.96 29.00
CA PRO E 67 8.37 -9.52 28.77
C PRO E 67 7.99 -9.62 27.30
N PHE E 68 8.46 -8.67 26.49
CA PHE E 68 8.28 -8.76 25.05
C PHE E 68 8.99 -9.99 24.50
N GLN E 69 10.20 -10.25 24.98
CA GLN E 69 10.94 -11.44 24.59
C GLN E 69 10.20 -12.71 25.02
N ARG E 70 9.61 -12.68 26.20
CA ARG E 70 8.79 -13.81 26.66
C ARG E 70 7.61 -14.04 25.74
N LEU E 71 6.95 -12.97 25.29
CA LEU E 71 5.82 -13.12 24.38
C LEU E 71 6.27 -13.66 23.02
N VAL E 72 7.43 -13.18 22.55
CA VAL E 72 7.98 -13.67 21.28
C VAL E 72 8.29 -15.17 21.36
N ARG E 73 8.94 -15.59 22.45
CA ARG E 73 9.23 -17.01 22.63
C ARG E 73 7.96 -17.82 22.81
N GLU E 74 6.96 -17.24 23.48
CA GLU E 74 5.68 -17.91 23.71
C GLU E 74 4.97 -18.21 22.39
N ILE E 75 4.87 -17.20 21.52
CA ILE E 75 4.19 -17.42 20.26
C ILE E 75 5.07 -18.23 19.30
N ALA E 76 6.39 -18.18 19.49
CA ALA E 76 7.27 -19.01 18.70
C ALA E 76 7.05 -20.49 19.00
N GLN E 77 7.00 -20.85 20.28
CA GLN E 77 6.75 -22.25 20.63
C GLN E 77 5.31 -22.65 20.34
N ASP E 78 4.41 -21.69 20.15
CA ASP E 78 3.09 -22.00 19.60
C ASP E 78 3.15 -22.40 18.14
N PHE E 79 4.22 -22.06 17.42
CA PHE E 79 4.40 -22.53 16.06
C PHE E 79 5.42 -23.65 15.97
N LYS E 80 6.61 -23.47 16.54
CA LYS E 80 7.58 -24.55 16.64
C LYS E 80 8.26 -24.44 17.99
N THR E 81 8.23 -25.53 18.74
CA THR E 81 8.62 -25.53 20.15
C THR E 81 10.15 -25.39 20.28
N ASP E 82 10.56 -24.60 21.28
CA ASP E 82 11.95 -24.42 21.70
C ASP E 82 12.82 -23.76 20.62
N LEU E 83 12.35 -22.65 20.07
CA LEU E 83 13.21 -21.81 19.24
C LEU E 83 14.15 -20.97 20.08
N ARG E 84 15.29 -20.62 19.48
CA ARG E 84 16.26 -19.73 20.09
C ARG E 84 16.25 -18.41 19.32
N PHE E 85 16.40 -17.31 20.06
CA PHE E 85 16.23 -15.98 19.50
C PHE E 85 17.42 -15.10 19.86
N GLN E 86 17.99 -14.46 18.84
CA GLN E 86 18.95 -13.39 19.08
C GLN E 86 18.24 -12.21 19.72
N SER E 87 18.91 -11.57 20.68
CA SER E 87 18.32 -10.43 21.38
C SER E 87 18.06 -9.28 20.42
N SER E 88 18.97 -9.05 19.48
CA SER E 88 18.79 -8.01 18.48
C SER E 88 17.55 -8.24 17.63
N ALA E 89 17.22 -9.50 17.34
CA ALA E 89 15.97 -9.81 16.67
C ALA E 89 14.78 -9.40 17.52
N VAL E 90 14.88 -9.58 18.84
CA VAL E 90 13.79 -9.21 19.74
C VAL E 90 13.59 -7.70 19.76
N MET E 91 14.68 -6.93 19.85
CA MET E 91 14.52 -5.48 19.78
C MET E 91 14.07 -5.02 18.40
N ALA E 92 14.43 -5.77 17.35
CA ALA E 92 13.95 -5.43 16.01
C ALA E 92 12.45 -5.63 15.88
N LEU E 93 11.95 -6.74 16.42
CA LEU E 93 10.50 -6.95 16.51
C LEU E 93 9.84 -5.87 17.33
N GLN E 94 10.47 -5.48 18.44
CA GLN E 94 9.98 -4.40 19.28
C GLN E 94 9.82 -3.11 18.49
N GLU E 95 10.87 -2.68 17.80
CA GLU E 95 10.83 -1.39 17.13
C GLU E 95 9.93 -1.43 15.90
N ALA E 96 9.83 -2.59 15.24
CA ALA E 96 8.88 -2.74 14.15
C ALA E 96 7.44 -2.62 14.64
N SER E 97 7.14 -3.26 15.77
CA SER E 97 5.80 -3.15 16.35
C SER E 97 5.51 -1.71 16.76
N GLU E 98 6.50 -1.03 17.33
CA GLU E 98 6.33 0.35 17.75
C GLU E 98 6.10 1.27 16.55
N ALA E 99 6.80 1.03 15.45
CA ALA E 99 6.57 1.77 14.22
C ALA E 99 5.17 1.52 13.66
N TYR E 100 4.73 0.26 13.72
CA TYR E 100 3.37 -0.04 13.28
C TYR E 100 2.35 0.68 14.16
N LEU E 101 2.58 0.70 15.46
CA LEU E 101 1.69 1.41 16.39
C LEU E 101 1.68 2.91 16.12
N VAL E 102 2.83 3.48 15.78
CA VAL E 102 2.90 4.87 15.37
C VAL E 102 2.01 5.11 14.17
N GLY E 103 2.15 4.27 13.14
CA GLY E 103 1.35 4.43 11.94
C GLY E 103 -0.14 4.25 12.19
N LEU E 104 -0.51 3.25 12.99
CA LEU E 104 -1.91 2.91 13.10
C LEU E 104 -2.63 3.85 14.06
N PHE E 105 -1.94 4.37 15.08
CA PHE E 105 -2.56 5.48 15.81
C PHE E 105 -2.56 6.78 15.03
N GLU E 106 -1.62 7.04 14.13
CA GLU E 106 -1.76 8.23 13.29
C GLU E 106 -2.97 8.12 12.37
N ASP E 107 -3.14 6.96 11.74
CA ASP E 107 -4.34 6.74 10.91
C ASP E 107 -5.60 6.76 11.76
N THR E 108 -5.54 6.18 12.96
CA THR E 108 -6.68 6.14 13.87
C THR E 108 -7.06 7.53 14.35
N ASN E 109 -6.06 8.36 14.66
CA ASN E 109 -6.30 9.73 15.08
C ASN E 109 -6.91 10.53 13.93
N LEU E 110 -6.43 10.29 12.70
CA LEU E 110 -7.04 10.93 11.54
C LEU E 110 -8.49 10.50 11.37
N ALA E 111 -8.77 9.21 11.58
CA ALA E 111 -10.13 8.72 11.48
C ALA E 111 -11.02 9.31 12.56
N ALA E 112 -10.52 9.37 13.79
CA ALA E 112 -11.33 9.85 14.92
C ALA E 112 -11.61 11.35 14.79
N ILE E 113 -10.62 12.13 14.34
CA ILE E 113 -10.87 13.51 13.94
C ILE E 113 -11.92 13.55 12.85
N HIS E 114 -11.80 12.67 11.87
CA HIS E 114 -12.81 12.58 10.83
C HIS E 114 -14.12 12.02 11.39
N ALA E 115 -14.04 11.20 12.43
CA ALA E 115 -15.20 10.75 13.17
C ALA E 115 -15.69 11.77 14.19
N LYS E 116 -15.20 13.01 14.10
CA LYS E 116 -15.62 14.14 14.95
C LYS E 116 -15.37 13.87 16.43
N ARG E 117 -14.34 13.07 16.72
CA ARG E 117 -13.96 12.70 18.06
C ARG E 117 -12.50 13.00 18.30
N VAL E 118 -12.12 12.99 19.57
CA VAL E 118 -10.72 13.07 19.95
C VAL E 118 -10.29 11.90 20.83
N THR E 119 -11.22 11.25 21.53
CA THR E 119 -10.99 9.93 22.10
C THR E 119 -11.15 8.92 20.97
N ILE E 120 -10.09 8.18 20.70
CA ILE E 120 -10.12 7.19 19.63
C ILE E 120 -10.82 5.94 20.14
N MET E 121 -11.36 5.15 19.22
CA MET E 121 -12.11 3.95 19.55
C MET E 121 -11.63 2.79 18.66
N PRO E 122 -11.86 1.55 19.11
CA PRO E 122 -11.48 0.39 18.26
C PRO E 122 -12.18 0.34 16.92
N LYS E 123 -13.35 0.99 16.79
CA LYS E 123 -13.98 1.15 15.48
C LYS E 123 -13.10 1.94 14.52
N ASP E 124 -12.39 2.96 15.03
CA ASP E 124 -11.44 3.68 14.19
C ASP E 124 -10.28 2.78 13.77
N ILE E 125 -9.81 1.94 14.68
CA ILE E 125 -8.69 1.04 14.39
C ILE E 125 -9.10 0.01 13.34
N GLN E 126 -10.31 -0.54 13.50
CA GLN E 126 -10.85 -1.47 12.51
C GLN E 126 -11.04 -0.81 11.16
N LEU E 127 -11.50 0.43 11.16
CA LEU E 127 -11.67 1.17 9.90
C LEU E 127 -10.34 1.38 9.21
N ALA E 128 -9.33 1.81 9.97
CA ALA E 128 -8.01 2.04 9.39
C ALA E 128 -7.39 0.74 8.89
N ARG E 129 -7.61 -0.34 9.65
CA ARG E 129 -7.16 -1.67 9.26
C ARG E 129 -7.82 -2.12 7.97
N ARG E 130 -9.11 -1.82 7.80
CA ARG E 130 -9.80 -2.17 6.57
C ARG E 130 -9.34 -1.32 5.39
N ILE E 131 -9.13 -0.02 5.62
CA ILE E 131 -8.71 0.88 4.55
C ILE E 131 -7.29 0.52 4.08
N ARG E 132 -6.42 0.14 5.00
CA ARG E 132 -5.06 -0.23 4.63
C ARG E 132 -5.00 -1.54 3.85
N GLY E 133 -6.09 -2.29 3.82
CA GLY E 133 -6.15 -3.47 2.97
C GLY E 133 -5.84 -4.77 3.66
N GLU E 134 -6.31 -4.97 4.89
CA GLU E 134 -6.14 -6.25 5.56
C GLU E 134 -7.30 -6.54 6.50
N LYS F 21 8.59 -23.86 31.60
CA LYS F 21 8.65 -24.36 30.23
C LYS F 21 7.69 -23.60 29.33
N VAL F 22 6.38 -23.78 29.57
CA VAL F 22 5.38 -23.15 28.72
C VAL F 22 5.12 -21.72 29.20
N LEU F 23 4.56 -20.92 28.30
CA LEU F 23 4.12 -19.57 28.62
C LEU F 23 2.70 -19.40 28.09
N ARG F 24 1.86 -18.75 28.87
CA ARG F 24 0.44 -18.72 28.52
C ARG F 24 -0.10 -17.30 28.34
N ASP F 25 0.43 -16.32 29.08
CA ASP F 25 -0.05 -14.95 28.96
C ASP F 25 1.13 -13.99 29.12
N ASN F 26 1.69 -13.57 27.98
CA ASN F 26 2.66 -12.48 27.95
C ASN F 26 2.24 -11.36 27.03
N ILE F 27 1.09 -11.49 26.36
CA ILE F 27 0.53 -10.36 25.61
C ILE F 27 0.11 -9.25 26.57
N GLN F 28 -0.32 -9.61 27.79
CA GLN F 28 -0.56 -8.63 28.82
C GLN F 28 0.73 -8.07 29.40
N GLY F 29 1.87 -8.71 29.14
CA GLY F 29 3.15 -8.12 29.47
C GLY F 29 3.48 -6.88 28.67
N ILE F 30 2.84 -6.70 27.52
CA ILE F 30 2.89 -5.44 26.79
C ILE F 30 1.88 -4.54 27.50
N THR F 31 2.40 -3.75 28.44
CA THR F 31 1.57 -3.14 29.45
C THR F 31 0.75 -1.97 28.89
N LYS F 32 -0.35 -1.69 29.59
CA LYS F 32 -1.18 -0.52 29.27
C LYS F 32 -0.44 0.81 29.30
N PRO F 33 0.42 1.13 30.29
CA PRO F 33 1.18 2.39 30.18
C PRO F 33 2.11 2.45 28.97
N ALA F 34 2.62 1.30 28.52
CA ALA F 34 3.41 1.28 27.30
C ALA F 34 2.58 1.68 26.09
N ILE F 35 1.35 1.15 26.01
CA ILE F 35 0.42 1.52 24.95
C ILE F 35 0.08 3.01 25.03
N ARG F 36 -0.06 3.51 26.25
CA ARG F 36 -0.32 4.93 26.47
C ARG F 36 0.82 5.78 25.90
N ARG F 37 2.06 5.39 26.22
CA ARG F 37 3.24 6.10 25.73
C ARG F 37 3.36 6.03 24.21
N LEU F 38 3.04 4.87 23.63
CA LEU F 38 3.09 4.72 22.19
C LEU F 38 2.10 5.63 21.49
N ALA F 39 0.90 5.75 22.05
CA ALA F 39 -0.08 6.66 21.45
C ALA F 39 0.30 8.11 21.70
N ARG F 40 1.07 8.38 22.78
CA ARG F 40 1.67 9.70 22.90
C ARG F 40 2.66 9.96 21.77
N ARG F 41 3.47 8.95 21.44
CA ARG F 41 4.27 9.04 20.23
C ARG F 41 3.39 9.04 18.99
N GLY F 42 2.29 8.29 19.02
CA GLY F 42 1.34 8.32 17.93
C GLY F 42 0.44 9.54 17.91
N GLY F 43 0.55 10.41 18.88
CA GLY F 43 -0.22 11.65 18.88
C GLY F 43 -1.62 11.54 19.43
N VAL F 44 -1.99 10.42 20.01
CA VAL F 44 -3.32 10.26 20.59
C VAL F 44 -3.28 10.69 22.04
N LYS F 45 -4.15 11.64 22.39
CA LYS F 45 -4.14 12.14 23.77
C LYS F 45 -5.10 11.38 24.66
N ARG F 46 -6.26 10.98 24.15
CA ARG F 46 -7.25 10.26 24.94
C ARG F 46 -7.48 8.88 24.34
N ILE F 47 -7.31 7.86 25.18
CA ILE F 47 -7.24 6.47 24.75
C ILE F 47 -8.34 5.73 25.48
N SER F 48 -9.34 5.26 24.74
CA SER F 48 -10.52 4.66 25.36
C SER F 48 -10.15 3.37 26.08
N GLY F 49 -11.04 2.96 26.99
CA GLY F 49 -10.81 1.72 27.74
C GLY F 49 -10.83 0.48 26.87
N LEU F 50 -11.52 0.53 25.74
CA LEU F 50 -11.59 -0.60 24.81
C LEU F 50 -10.40 -0.66 23.87
N ILE F 51 -9.57 0.40 23.84
CA ILE F 51 -8.45 0.48 22.93
C ILE F 51 -7.41 -0.60 23.22
N TYR F 52 -7.12 -0.82 24.52
CA TYR F 52 -5.94 -1.60 24.92
C TYR F 52 -6.03 -3.04 24.44
N GLU F 53 -7.21 -3.65 24.59
CA GLU F 53 -7.37 -5.03 24.13
C GLU F 53 -7.42 -5.11 22.61
N GLU F 54 -7.95 -4.08 21.96
CA GLU F 54 -7.92 -4.02 20.49
C GLU F 54 -6.49 -3.96 19.99
N THR F 55 -5.65 -3.14 20.63
CA THR F 55 -4.24 -3.06 20.28
C THR F 55 -3.54 -4.37 20.55
N ARG F 56 -3.87 -5.01 21.67
CA ARG F 56 -3.28 -6.32 21.97
C ARG F 56 -3.65 -7.34 20.91
N GLY F 57 -4.91 -7.33 20.47
CA GLY F 57 -5.34 -8.26 19.44
C GLY F 57 -4.66 -8.02 18.10
N VAL F 58 -4.52 -6.76 17.70
CA VAL F 58 -3.96 -6.48 16.39
C VAL F 58 -2.44 -6.70 16.39
N LEU F 59 -1.76 -6.30 17.47
CA LEU F 59 -0.36 -6.65 17.63
C LEU F 59 -0.17 -8.15 17.69
N LYS F 60 -1.12 -8.85 18.31
CA LYS F 60 -1.09 -10.29 18.39
C LYS F 60 -1.09 -10.90 16.99
N VAL F 61 -2.14 -10.63 16.22
CA VAL F 61 -2.28 -11.22 14.88
C VAL F 61 -1.12 -10.80 13.98
N PHE F 62 -0.71 -9.52 14.04
CA PHE F 62 0.43 -9.08 13.23
C PHE F 62 1.71 -9.77 13.63
N LEU F 63 1.85 -10.11 14.91
CA LEU F 63 3.08 -10.77 15.29
C LEU F 63 3.07 -12.23 14.84
N GLU F 64 1.91 -12.88 14.73
CA GLU F 64 1.98 -14.20 14.08
C GLU F 64 2.25 -14.05 12.59
N ASN F 65 1.69 -13.01 11.97
CA ASN F 65 1.97 -12.77 10.55
C ASN F 65 3.46 -12.53 10.30
N VAL F 66 4.14 -11.95 11.29
CA VAL F 66 5.58 -11.75 11.17
C VAL F 66 6.33 -13.05 11.47
N ILE F 67 6.05 -13.67 12.63
CA ILE F 67 6.89 -14.74 13.11
C ILE F 67 6.67 -16.02 12.30
N ARG F 68 5.49 -16.18 11.69
CA ARG F 68 5.28 -17.30 10.78
C ARG F 68 6.23 -17.22 9.60
N ASP F 69 6.31 -16.04 8.99
CA ASP F 69 7.24 -15.81 7.91
C ASP F 69 8.68 -15.97 8.36
N ALA F 70 9.00 -15.44 9.55
CA ALA F 70 10.37 -15.46 10.05
C ALA F 70 10.83 -16.88 10.34
N VAL F 71 9.98 -17.68 11.00
CA VAL F 71 10.34 -19.06 11.26
C VAL F 71 10.41 -19.83 9.96
N THR F 72 9.44 -19.63 9.05
CA THR F 72 9.45 -20.32 7.76
C THR F 72 10.75 -20.06 6.99
N TYR F 73 11.24 -18.83 7.08
CA TYR F 73 12.62 -18.54 6.68
C TYR F 73 13.62 -19.40 7.44
N THR F 74 13.44 -19.54 8.75
CA THR F 74 14.48 -20.13 9.59
C THR F 74 14.63 -21.64 9.37
N GLU F 75 13.53 -22.40 9.34
CA GLU F 75 13.71 -23.80 8.95
C GLU F 75 13.90 -23.95 7.44
N HIS F 76 13.59 -22.91 6.66
CA HIS F 76 14.13 -22.95 5.30
C HIS F 76 15.63 -22.72 5.31
N ALA F 77 16.13 -22.01 6.31
CA ALA F 77 17.58 -21.89 6.50
C ALA F 77 18.15 -23.07 7.27
N LYS F 78 17.31 -24.01 7.70
CA LYS F 78 17.69 -25.16 8.52
C LYS F 78 18.36 -24.76 9.83
N ARG F 79 18.01 -23.60 10.37
CA ARG F 79 18.58 -23.13 11.61
C ARG F 79 17.62 -23.34 12.77
N LYS F 80 18.14 -23.23 13.98
CA LYS F 80 17.36 -23.29 15.20
C LYS F 80 17.42 -21.99 15.97
N THR F 81 18.28 -21.06 15.56
CA THR F 81 18.42 -19.76 16.19
C THR F 81 17.86 -18.70 15.25
N VAL F 82 16.91 -17.91 15.75
CA VAL F 82 16.25 -16.90 14.94
C VAL F 82 17.15 -15.67 14.85
N THR F 83 17.40 -15.21 13.62
CA THR F 83 18.22 -14.04 13.37
C THR F 83 17.34 -12.83 13.07
N ALA F 84 17.93 -11.64 13.23
CA ALA F 84 17.19 -10.41 12.97
C ALA F 84 17.00 -10.19 11.47
N MET F 85 17.94 -10.70 10.68
CA MET F 85 17.85 -10.55 9.22
C MET F 85 16.67 -11.34 8.66
N ASP F 86 16.25 -12.41 9.35
CA ASP F 86 14.98 -13.06 9.06
C ASP F 86 13.80 -12.13 9.29
N VAL F 87 13.84 -11.39 10.41
CA VAL F 87 12.79 -10.42 10.70
C VAL F 87 12.74 -9.33 9.64
N VAL F 88 13.92 -8.92 9.16
CA VAL F 88 14.00 -7.90 8.11
C VAL F 88 13.32 -8.40 6.83
N TYR F 89 13.61 -9.65 6.44
CA TYR F 89 12.97 -10.21 5.25
C TYR F 89 11.45 -10.33 5.42
N ALA F 90 11.02 -10.78 6.61
CA ALA F 90 9.58 -10.95 6.84
C ALA F 90 8.86 -9.61 6.82
N LEU F 91 9.52 -8.57 7.30
CA LEU F 91 8.90 -7.25 7.29
C LEU F 91 8.86 -6.64 5.89
N LYS F 92 9.96 -6.76 5.14
CA LYS F 92 9.97 -6.18 3.79
C LYS F 92 9.04 -6.96 2.86
N ARG F 93 8.77 -8.23 3.17
CA ARG F 93 7.71 -8.94 2.45
C ARG F 93 6.36 -8.28 2.71
N GLN F 94 6.10 -7.87 3.94
CA GLN F 94 4.85 -7.20 4.28
C GLN F 94 4.90 -5.70 4.08
N GLY F 95 5.82 -5.20 3.26
CA GLY F 95 5.91 -3.77 3.03
C GLY F 95 6.32 -2.96 4.22
N ARG F 96 7.11 -3.54 5.12
CA ARG F 96 7.55 -2.91 6.36
C ARG F 96 9.06 -2.83 6.39
N THR F 97 9.63 -2.34 5.29
CA THR F 97 11.07 -2.30 5.04
C THR F 97 11.82 -1.58 6.17
N LEU F 98 12.82 -2.27 6.71
CA LEU F 98 13.46 -1.88 7.96
C LEU F 98 14.80 -1.24 7.65
N TYR F 99 15.10 -0.11 8.28
CA TYR F 99 16.44 0.45 8.25
C TYR F 99 17.03 0.39 9.65
N GLY F 100 18.20 -0.20 9.77
CA GLY F 100 18.91 -0.26 11.04
C GLY F 100 19.36 -1.64 11.48
N PHE F 101 19.07 -2.71 10.73
CA PHE F 101 19.57 -4.03 11.07
C PHE F 101 19.95 -4.87 9.85
N GLY F 102 20.09 -4.27 8.68
CA GLY F 102 20.45 -5.03 7.50
C GLY F 102 21.89 -5.51 7.52
N GLY F 103 22.10 -6.72 7.01
CA GLY F 103 23.42 -7.29 6.94
C GLY F 103 23.87 -7.97 8.23
N ALA G 28 16.51 -47.07 -31.76
CA ALA G 28 17.27 -45.85 -31.95
C ALA G 28 17.09 -44.91 -30.77
N ARG G 29 15.84 -44.63 -30.42
CA ARG G 29 15.52 -43.68 -29.37
C ARG G 29 14.31 -44.14 -28.59
N ALA G 30 14.34 -43.91 -27.28
CA ALA G 30 13.17 -44.17 -26.45
C ALA G 30 12.06 -43.17 -26.78
N LYS G 31 10.83 -43.67 -26.78
CA LYS G 31 9.70 -42.81 -27.11
C LYS G 31 9.36 -41.93 -25.92
N ALA G 32 9.26 -40.63 -26.17
CA ALA G 32 9.24 -39.65 -25.09
C ALA G 32 7.81 -39.33 -24.64
N LYS G 33 7.66 -39.14 -23.33
CA LYS G 33 6.45 -38.59 -22.72
C LYS G 33 6.82 -37.21 -22.17
N THR G 34 5.85 -36.30 -22.16
CA THR G 34 6.10 -35.02 -21.52
C THR G 34 6.25 -35.21 -20.02
N ARG G 35 7.04 -34.33 -19.41
CA ARG G 35 7.20 -34.38 -17.96
C ARG G 35 5.92 -33.99 -17.25
N SER G 36 5.04 -33.24 -17.93
CA SER G 36 3.69 -33.04 -17.45
C SER G 36 2.93 -34.36 -17.40
N SER G 37 3.09 -35.19 -18.44
CA SER G 37 2.49 -36.52 -18.42
C SER G 37 3.15 -37.42 -17.39
N ARG G 38 4.46 -37.24 -17.17
CA ARG G 38 5.14 -38.01 -16.13
C ARG G 38 4.61 -37.64 -14.75
N ALA G 39 4.36 -36.35 -14.53
CA ALA G 39 3.62 -35.95 -13.34
C ALA G 39 2.14 -36.30 -13.44
N GLY G 40 1.61 -36.48 -14.64
CA GLY G 40 0.18 -36.59 -14.81
C GLY G 40 -0.54 -35.32 -14.51
N LEU G 41 0.06 -34.17 -14.80
CA LEU G 41 -0.55 -32.87 -14.58
C LEU G 41 -0.70 -32.16 -15.91
N GLN G 42 -1.73 -31.32 -16.02
CA GLN G 42 -2.11 -30.72 -17.29
C GLN G 42 -1.26 -29.50 -17.65
N PHE G 43 -0.74 -28.79 -16.65
CA PHE G 43 0.10 -27.63 -16.90
C PHE G 43 1.45 -28.05 -17.47
N PRO G 44 1.99 -27.28 -18.43
CA PRO G 44 3.26 -27.64 -19.07
C PRO G 44 4.44 -27.48 -18.12
N VAL G 45 5.01 -28.61 -17.72
CA VAL G 45 6.21 -28.60 -16.88
C VAL G 45 7.38 -27.99 -17.64
N GLY G 46 7.51 -28.30 -18.93
CA GLY G 46 8.61 -27.77 -19.72
C GLY G 46 8.52 -26.26 -19.91
N ARG G 47 7.32 -25.75 -20.18
CA ARG G 47 7.14 -24.32 -20.39
C ARG G 47 7.39 -23.53 -19.11
N VAL G 48 6.89 -24.02 -17.98
CA VAL G 48 7.14 -23.36 -16.70
C VAL G 48 8.62 -23.42 -16.35
N HIS G 49 9.26 -24.55 -16.67
CA HIS G 49 10.69 -24.71 -16.40
C HIS G 49 11.53 -23.72 -17.21
N ARG G 50 11.22 -23.56 -18.49
CA ARG G 50 11.96 -22.62 -19.34
C ARG G 50 11.64 -21.17 -18.97
N LEU G 51 10.42 -20.88 -18.53
CA LEU G 51 10.12 -19.51 -18.10
C LEU G 51 10.75 -19.19 -16.76
N LEU G 52 11.00 -20.20 -15.93
CA LEU G 52 11.78 -19.98 -14.73
C LEU G 52 13.26 -19.76 -15.06
N ARG G 53 13.81 -20.58 -15.96
CA ARG G 53 15.24 -20.50 -16.26
C ARG G 53 15.56 -19.23 -17.05
N LYS G 54 14.62 -18.72 -17.83
CA LYS G 54 14.83 -17.51 -18.60
C LYS G 54 14.22 -16.28 -17.95
N GLY G 55 13.60 -16.43 -16.78
CA GLY G 55 13.02 -15.32 -16.05
C GLY G 55 13.96 -14.60 -15.12
N ASN G 56 15.24 -14.99 -15.09
CA ASN G 56 16.29 -14.40 -14.24
C ASN G 56 15.95 -14.51 -12.76
N TYR G 57 15.77 -15.74 -12.28
CA TYR G 57 15.57 -16.00 -10.85
C TYR G 57 16.67 -16.86 -10.25
N SER G 58 17.15 -17.86 -10.98
CA SER G 58 18.41 -18.53 -10.69
C SER G 58 18.92 -19.17 -11.98
N GLU G 59 20.24 -19.22 -12.12
CA GLU G 59 20.83 -19.87 -13.29
C GLU G 59 20.62 -21.38 -13.26
N ARG G 60 20.58 -21.96 -12.07
CA ARG G 60 20.39 -23.39 -11.89
C ARG G 60 19.13 -23.57 -11.08
N VAL G 61 18.31 -24.55 -11.47
CA VAL G 61 17.00 -24.75 -10.85
C VAL G 61 16.85 -26.21 -10.49
N GLY G 62 16.47 -26.49 -9.24
CA GLY G 62 16.24 -27.87 -8.84
C GLY G 62 15.05 -28.48 -9.56
N ALA G 63 15.10 -29.80 -9.69
CA ALA G 63 14.17 -30.51 -10.55
C ALA G 63 12.75 -30.49 -10.00
N GLY G 64 12.60 -30.57 -8.68
CA GLY G 64 11.27 -30.56 -8.11
C GLY G 64 10.58 -29.22 -8.10
N ALA G 65 11.33 -28.14 -8.31
CA ALA G 65 10.75 -26.80 -8.25
C ALA G 65 9.69 -26.53 -9.31
N PRO G 66 9.91 -26.74 -10.62
CA PRO G 66 8.86 -26.38 -11.57
C PRO G 66 7.68 -27.33 -11.53
N VAL G 67 7.88 -28.61 -11.25
CA VAL G 67 6.75 -29.53 -11.12
C VAL G 67 5.95 -29.19 -9.87
N TYR G 68 6.65 -28.75 -8.80
CA TYR G 68 5.95 -28.35 -7.58
C TYR G 68 5.12 -27.10 -7.83
N LEU G 69 5.71 -26.11 -8.48
CA LEU G 69 5.01 -24.87 -8.79
C LEU G 69 3.87 -25.12 -9.75
N ALA G 70 4.08 -25.97 -10.75
CA ALA G 70 3.05 -26.24 -11.74
C ALA G 70 1.88 -26.97 -11.11
N ALA G 71 2.15 -27.90 -10.18
CA ALA G 71 1.08 -28.55 -9.45
C ALA G 71 0.31 -27.56 -8.60
N VAL G 72 1.03 -26.63 -7.95
CA VAL G 72 0.38 -25.58 -7.16
C VAL G 72 -0.52 -24.74 -8.05
N LEU G 73 -0.01 -24.30 -9.20
CA LEU G 73 -0.78 -23.46 -10.11
C LEU G 73 -1.99 -24.20 -10.65
N GLU G 74 -1.82 -25.47 -11.03
CA GLU G 74 -2.94 -26.23 -11.56
C GLU G 74 -4.01 -26.44 -10.52
N TYR G 75 -3.60 -26.65 -9.27
CA TYR G 75 -4.58 -26.82 -8.20
C TYR G 75 -5.34 -25.52 -7.95
N LEU G 76 -4.61 -24.39 -7.97
CA LEU G 76 -5.24 -23.09 -7.74
C LEU G 76 -6.24 -22.76 -8.84
N THR G 77 -5.83 -22.96 -10.10
CA THR G 77 -6.74 -22.75 -11.21
C THR G 77 -7.89 -23.75 -11.18
N ALA G 78 -7.64 -24.98 -10.71
CA ALA G 78 -8.71 -25.96 -10.58
C ALA G 78 -9.76 -25.49 -9.58
N GLU G 79 -9.30 -24.96 -8.45
CA GLU G 79 -10.22 -24.44 -7.44
C GLU G 79 -11.01 -23.25 -7.97
N ILE G 80 -10.33 -22.31 -8.62
CA ILE G 80 -11.04 -21.11 -9.04
C ILE G 80 -11.94 -21.42 -10.23
N LEU G 81 -11.57 -22.40 -11.06
CA LEU G 81 -12.45 -22.80 -12.15
C LEU G 81 -13.65 -23.56 -11.63
N GLU G 82 -13.48 -24.34 -10.56
CA GLU G 82 -14.62 -24.99 -9.94
C GLU G 82 -15.58 -23.96 -9.36
N LEU G 83 -15.03 -22.94 -8.68
CA LEU G 83 -15.86 -21.89 -8.12
C LEU G 83 -16.58 -21.10 -9.20
N ALA G 84 -15.89 -20.81 -10.31
CA ALA G 84 -16.51 -20.11 -11.43
C ALA G 84 -17.59 -20.96 -12.08
N GLY G 85 -17.36 -22.27 -12.20
CA GLY G 85 -18.36 -23.15 -12.78
C GLY G 85 -19.61 -23.24 -11.95
N ASN G 86 -19.46 -23.36 -10.62
CA ASN G 86 -20.63 -23.38 -9.75
C ASN G 86 -21.36 -22.04 -9.76
N ALA G 87 -20.61 -20.94 -9.81
CA ALA G 87 -21.23 -19.63 -9.90
C ALA G 87 -22.00 -19.46 -11.22
N ALA G 88 -21.45 -20.01 -12.30
CA ALA G 88 -22.14 -19.95 -13.59
C ALA G 88 -23.41 -20.80 -13.57
N ARG G 89 -23.36 -21.96 -12.91
CA ARG G 89 -24.57 -22.78 -12.79
C ARG G 89 -25.59 -22.12 -11.87
N ASP G 90 -25.14 -21.28 -10.95
CA ASP G 90 -26.06 -20.50 -10.13
C ASP G 90 -26.81 -19.48 -10.97
N ASN G 91 -26.13 -18.81 -11.90
CA ASN G 91 -26.75 -17.80 -12.73
C ASN G 91 -27.39 -18.35 -13.99
N LYS G 92 -27.52 -19.69 -14.08
CA LYS G 92 -28.15 -20.39 -15.19
C LYS G 92 -27.42 -20.13 -16.51
N LYS G 93 -26.12 -19.89 -16.43
CA LYS G 93 -25.29 -19.64 -17.60
C LYS G 93 -24.32 -20.79 -17.76
N THR G 94 -24.24 -21.32 -18.98
CA THR G 94 -23.38 -22.45 -19.26
C THR G 94 -21.91 -22.08 -19.29
N ARG G 95 -21.59 -20.83 -19.58
CA ARG G 95 -20.21 -20.42 -19.82
C ARG G 95 -19.78 -19.42 -18.76
N ILE G 96 -18.50 -19.46 -18.42
CA ILE G 96 -17.94 -18.53 -17.44
C ILE G 96 -17.93 -17.13 -18.03
N ILE G 97 -18.12 -16.14 -17.16
CA ILE G 97 -18.04 -14.73 -17.56
C ILE G 97 -17.14 -14.11 -16.50
N PRO G 98 -16.45 -12.99 -16.76
CA PRO G 98 -15.69 -12.34 -15.67
C PRO G 98 -16.52 -11.81 -14.52
N ARG G 99 -17.83 -11.64 -14.68
CA ARG G 99 -18.67 -11.38 -13.51
C ARG G 99 -18.62 -12.57 -12.55
N HIS G 100 -18.67 -13.79 -13.09
CA HIS G 100 -18.49 -14.98 -12.26
C HIS G 100 -17.12 -15.00 -11.62
N LEU G 101 -16.08 -14.55 -12.34
CA LEU G 101 -14.75 -14.49 -11.76
C LEU G 101 -14.68 -13.51 -10.60
N GLN G 102 -15.31 -12.35 -10.75
CA GLN G 102 -15.33 -11.38 -9.66
C GLN G 102 -16.06 -11.91 -8.45
N LEU G 103 -17.20 -12.58 -8.69
CA LEU G 103 -17.94 -13.19 -7.58
C LEU G 103 -17.14 -14.30 -6.93
N ALA G 104 -16.37 -15.05 -7.71
CA ALA G 104 -15.61 -16.17 -7.16
C ALA G 104 -14.41 -15.69 -6.35
N ILE G 105 -13.67 -14.71 -6.86
CA ILE G 105 -12.51 -14.19 -6.14
C ILE G 105 -12.94 -13.46 -4.87
N ARG G 106 -13.93 -12.57 -4.98
CA ARG G 106 -14.24 -11.70 -3.85
C ARG G 106 -15.00 -12.41 -2.74
N ASN G 107 -15.60 -13.56 -3.02
CA ASN G 107 -16.31 -14.31 -1.99
C ASN G 107 -15.49 -15.43 -1.37
N ASP G 108 -14.19 -15.52 -1.66
CA ASP G 108 -13.31 -16.46 -0.98
C ASP G 108 -12.30 -15.64 -0.19
N GLU G 109 -12.15 -15.98 1.09
CA GLU G 109 -11.32 -15.17 1.99
C GLU G 109 -9.84 -15.30 1.64
N GLU G 110 -9.35 -16.52 1.46
CA GLU G 110 -7.93 -16.71 1.18
C GLU G 110 -7.59 -16.28 -0.24
N LEU G 111 -8.52 -16.41 -1.18
CA LEU G 111 -8.29 -15.87 -2.52
C LEU G 111 -8.32 -14.35 -2.51
N ASN G 112 -9.16 -13.75 -1.66
CA ASN G 112 -9.15 -12.30 -1.51
C ASN G 112 -7.82 -11.84 -0.94
N LYS G 113 -7.27 -12.61 0.01
CA LYS G 113 -5.94 -12.33 0.53
C LYS G 113 -4.89 -12.47 -0.57
N LEU G 114 -5.10 -13.42 -1.49
CA LEU G 114 -4.21 -13.53 -2.64
C LEU G 114 -4.35 -12.35 -3.59
N LEU G 115 -5.58 -11.86 -3.78
CA LEU G 115 -5.87 -10.88 -4.82
C LEU G 115 -6.59 -9.64 -4.27
N GLY G 116 -6.09 -9.09 -3.17
CA GLY G 116 -6.65 -7.86 -2.65
C GLY G 116 -6.39 -6.66 -3.54
N ARG G 117 -5.21 -6.60 -4.15
CA ARG G 117 -4.79 -5.45 -4.93
C ARG G 117 -4.88 -5.69 -6.43
N VAL G 118 -5.60 -6.71 -6.86
CA VAL G 118 -5.65 -7.09 -8.26
C VAL G 118 -6.96 -6.60 -8.87
N THR G 119 -6.86 -5.90 -9.99
CA THR G 119 -8.01 -5.36 -10.70
C THR G 119 -8.41 -6.32 -11.82
N ILE G 120 -9.70 -6.55 -11.97
CA ILE G 120 -10.23 -7.52 -12.93
C ILE G 120 -11.02 -6.76 -13.99
N ALA G 121 -10.71 -7.04 -15.25
CA ALA G 121 -11.41 -6.37 -16.35
C ALA G 121 -12.84 -6.88 -16.47
N GLN G 122 -13.79 -5.93 -16.56
CA GLN G 122 -15.22 -6.20 -16.78
C GLN G 122 -15.82 -7.10 -15.71
N GLY G 123 -15.33 -6.99 -14.48
CA GLY G 123 -15.80 -7.87 -13.43
C GLY G 123 -16.92 -7.30 -12.58
N GLY G 124 -16.96 -5.98 -12.45
CA GLY G 124 -17.90 -5.42 -11.50
C GLY G 124 -17.39 -5.59 -10.08
N VAL G 125 -18.34 -5.54 -9.14
CA VAL G 125 -18.03 -5.69 -7.73
C VAL G 125 -19.05 -6.63 -7.10
N LEU G 126 -18.85 -6.90 -5.81
CA LEU G 126 -19.83 -7.67 -5.06
C LEU G 126 -21.12 -6.86 -4.89
N PRO G 127 -22.27 -7.52 -4.89
CA PRO G 127 -23.49 -6.87 -4.39
C PRO G 127 -23.33 -6.59 -2.90
N ASN G 128 -23.17 -5.32 -2.56
CA ASN G 128 -22.84 -4.96 -1.19
C ASN G 128 -23.49 -3.61 -0.88
N ILE G 129 -24.51 -3.63 -0.04
CA ILE G 129 -25.16 -2.42 0.44
C ILE G 129 -24.96 -2.35 1.94
N GLN G 130 -24.52 -1.20 2.43
CA GLN G 130 -24.31 -1.03 3.85
C GLN G 130 -25.65 -0.95 4.57
N ALA G 131 -25.64 -1.30 5.86
CA ALA G 131 -26.88 -1.45 6.61
C ALA G 131 -27.62 -0.13 6.78
N VAL G 132 -26.89 0.97 6.93
CA VAL G 132 -27.53 2.28 7.02
C VAL G 132 -28.10 2.71 5.67
N LEU G 133 -27.56 2.20 4.57
CA LEU G 133 -28.07 2.56 3.25
C LEU G 133 -29.44 1.93 2.97
N LEU G 134 -29.75 0.80 3.60
CA LEU G 134 -31.04 0.17 3.40
C LEU G 134 -32.12 0.91 4.16
N PRO G 135 -33.34 0.97 3.61
CA PRO G 135 -34.44 1.63 4.31
C PRO G 135 -34.85 0.86 5.56
N LYS G 136 -35.45 1.60 6.49
CA LYS G 136 -35.96 1.09 7.78
C LYS G 136 -34.89 0.37 8.62
N LYS H 31 1.77 -14.17 -43.46
CA LYS H 31 2.87 -14.64 -42.60
C LYS H 31 2.80 -13.99 -41.23
N ARG H 32 2.68 -14.82 -40.19
CA ARG H 32 2.56 -14.34 -38.82
C ARG H 32 3.48 -15.14 -37.90
N SER H 33 3.61 -14.66 -36.67
CA SER H 33 4.45 -15.27 -35.65
C SER H 33 3.59 -15.79 -34.51
N ARG H 34 3.99 -16.93 -33.95
CA ARG H 34 3.24 -17.55 -32.86
C ARG H 34 3.29 -16.72 -31.58
N LYS H 35 2.15 -16.63 -30.91
CA LYS H 35 2.04 -16.01 -29.59
C LYS H 35 1.55 -17.06 -28.61
N GLU H 36 2.32 -17.29 -27.55
CA GLU H 36 2.03 -18.36 -26.61
C GLU H 36 1.10 -17.89 -25.50
N SER H 37 0.23 -18.79 -25.06
CA SER H 37 -0.68 -18.53 -23.96
C SER H 37 -0.91 -19.83 -23.19
N TYR H 38 -1.66 -19.71 -22.10
CA TYR H 38 -1.99 -20.87 -21.27
C TYR H 38 -3.37 -21.42 -21.57
N SER H 39 -3.75 -21.46 -22.85
CA SER H 39 -5.14 -21.69 -23.23
C SER H 39 -5.58 -23.12 -22.95
N VAL H 40 -4.92 -24.09 -23.59
CA VAL H 40 -5.45 -25.45 -23.63
C VAL H 40 -5.34 -26.11 -22.27
N TYR H 41 -4.40 -25.65 -21.42
CA TYR H 41 -4.22 -26.28 -20.13
C TYR H 41 -5.36 -25.92 -19.19
N VAL H 42 -5.74 -24.64 -19.17
CA VAL H 42 -6.87 -24.21 -18.36
C VAL H 42 -8.16 -24.79 -18.92
N TYR H 43 -8.22 -24.95 -20.25
CA TYR H 43 -9.37 -25.62 -20.86
C TYR H 43 -9.48 -27.08 -20.38
N LYS H 44 -8.36 -27.79 -20.35
CA LYS H 44 -8.33 -29.17 -19.87
C LYS H 44 -8.74 -29.25 -18.40
N VAL H 45 -8.23 -28.32 -17.59
CA VAL H 45 -8.53 -28.34 -16.15
C VAL H 45 -10.00 -28.04 -15.90
N LEU H 46 -10.56 -27.05 -16.62
CA LEU H 46 -11.97 -26.74 -16.48
C LEU H 46 -12.85 -27.90 -16.93
N LYS H 47 -12.51 -28.53 -18.05
CA LYS H 47 -13.31 -29.67 -18.49
C LYS H 47 -13.11 -30.88 -17.60
N GLN H 48 -12.02 -30.92 -16.83
CA GLN H 48 -11.90 -31.93 -15.78
C GLN H 48 -12.83 -31.63 -14.62
N VAL H 49 -12.90 -30.36 -14.19
CA VAL H 49 -13.73 -30.05 -13.02
C VAL H 49 -15.17 -29.78 -13.43
N HIS H 50 -15.40 -29.36 -14.67
CA HIS H 50 -16.74 -29.09 -15.18
C HIS H 50 -16.75 -29.42 -16.66
N PRO H 51 -17.13 -30.64 -17.02
CA PRO H 51 -17.11 -31.03 -18.44
C PRO H 51 -18.09 -30.26 -19.32
N ASP H 52 -19.13 -29.68 -18.73
CA ASP H 52 -20.19 -29.03 -19.50
C ASP H 52 -20.16 -27.51 -19.41
N THR H 53 -19.11 -26.92 -18.85
CA THR H 53 -19.06 -25.48 -18.66
C THR H 53 -18.20 -24.82 -19.75
N GLY H 54 -18.73 -23.75 -20.33
CA GLY H 54 -18.07 -23.05 -21.40
C GLY H 54 -17.17 -21.93 -20.93
N ILE H 55 -16.50 -21.31 -21.90
CA ILE H 55 -15.41 -20.36 -21.61
C ILE H 55 -15.64 -19.11 -22.45
N SER H 56 -15.58 -17.96 -21.79
CA SER H 56 -15.48 -16.69 -22.52
C SER H 56 -14.02 -16.28 -22.63
N SER H 57 -13.69 -15.59 -23.73
CA SER H 57 -12.30 -15.36 -24.10
C SER H 57 -11.61 -14.39 -23.16
N LYS H 58 -12.33 -13.39 -22.65
CA LYS H 58 -11.70 -12.43 -21.76
C LYS H 58 -11.57 -12.99 -20.33
N ALA H 59 -12.44 -13.92 -19.97
CA ALA H 59 -12.17 -14.73 -18.79
C ALA H 59 -10.90 -15.54 -18.96
N MET H 60 -10.66 -16.05 -20.17
CA MET H 60 -9.41 -16.76 -20.43
C MET H 60 -8.21 -15.81 -20.39
N GLY H 61 -8.39 -14.56 -20.81
CA GLY H 61 -7.34 -13.58 -20.63
C GLY H 61 -7.03 -13.34 -19.16
N ILE H 62 -8.06 -13.34 -18.32
CA ILE H 62 -7.86 -13.21 -16.89
C ILE H 62 -7.12 -14.41 -16.32
N MET H 63 -7.42 -15.62 -16.84
CA MET H 63 -6.63 -16.80 -16.50
C MET H 63 -5.16 -16.68 -16.90
N ASN H 64 -4.89 -16.24 -18.13
CA ASN H 64 -3.50 -16.14 -18.57
C ASN H 64 -2.74 -15.11 -17.76
N SER H 65 -3.39 -13.97 -17.48
CA SER H 65 -2.76 -12.93 -16.68
C SER H 65 -2.58 -13.37 -15.23
N PHE H 66 -3.53 -14.11 -14.69
CA PHE H 66 -3.42 -14.63 -13.33
C PHE H 66 -2.29 -15.65 -13.21
N VAL H 67 -2.17 -16.54 -14.20
CA VAL H 67 -1.08 -17.51 -14.22
C VAL H 67 0.26 -16.79 -14.28
N ASN H 68 0.37 -15.79 -15.15
CA ASN H 68 1.61 -15.04 -15.28
C ASN H 68 1.94 -14.28 -14.00
N ASP H 69 0.92 -13.67 -13.39
CA ASP H 69 1.11 -12.89 -12.16
C ASP H 69 1.62 -13.76 -11.01
N ILE H 70 0.91 -14.87 -10.75
CA ILE H 70 1.26 -15.71 -9.61
C ILE H 70 2.60 -16.42 -9.87
N PHE H 71 2.86 -16.80 -11.12
CA PHE H 71 4.14 -17.37 -11.50
C PHE H 71 5.28 -16.40 -11.22
N GLU H 72 5.08 -15.12 -11.58
CA GLU H 72 6.14 -14.14 -11.35
C GLU H 72 6.34 -13.87 -9.87
N ARG H 73 5.24 -13.84 -9.09
CA ARG H 73 5.35 -13.63 -7.64
C ARG H 73 6.16 -14.75 -6.99
N ILE H 74 5.79 -16.00 -7.27
CA ILE H 74 6.45 -17.13 -6.63
C ILE H 74 7.89 -17.26 -7.13
N ALA H 75 8.12 -16.97 -8.41
CA ALA H 75 9.47 -17.03 -8.95
C ALA H 75 10.38 -15.96 -8.33
N GLY H 76 9.85 -14.74 -8.13
CA GLY H 76 10.62 -13.72 -7.47
C GLY H 76 10.91 -14.05 -6.02
N GLU H 77 9.92 -14.62 -5.33
CA GLU H 77 10.15 -15.06 -3.95
C GLU H 77 11.18 -16.17 -3.87
N ALA H 78 11.15 -17.10 -4.83
CA ALA H 78 12.15 -18.17 -4.87
C ALA H 78 13.53 -17.61 -5.15
N SER H 79 13.62 -16.62 -6.02
CA SER H 79 14.91 -15.97 -6.29
C SER H 79 15.44 -15.28 -5.04
N ARG H 80 14.55 -14.60 -4.30
CA ARG H 80 14.97 -13.92 -3.07
C ARG H 80 15.42 -14.92 -2.01
N LEU H 81 14.68 -16.01 -1.84
CA LEU H 81 15.08 -17.06 -0.89
C LEU H 81 16.39 -17.72 -1.30
N ALA H 82 16.60 -17.90 -2.60
CA ALA H 82 17.86 -18.42 -3.09
C ALA H 82 19.00 -17.47 -2.78
N HIS H 83 18.74 -16.17 -2.87
CA HIS H 83 19.74 -15.17 -2.50
C HIS H 83 20.03 -15.23 -1.00
N TYR H 84 18.99 -15.38 -0.18
CA TYR H 84 19.16 -15.22 1.27
C TYR H 84 19.81 -16.43 1.89
N ASN H 85 19.58 -17.61 1.32
CA ASN H 85 20.28 -18.82 1.72
C ASN H 85 21.56 -19.03 0.93
N LYS H 86 21.89 -18.08 0.04
CA LYS H 86 23.09 -18.11 -0.81
C LYS H 86 23.11 -19.34 -1.70
N ARG H 87 21.94 -19.87 -2.02
CA ARG H 87 21.81 -21.03 -2.87
C ARG H 87 21.64 -20.56 -4.30
N SER H 88 22.47 -21.07 -5.20
CA SER H 88 22.32 -20.71 -6.60
C SER H 88 21.35 -21.62 -7.33
N THR H 89 20.76 -22.58 -6.63
CA THR H 89 19.82 -23.53 -7.22
C THR H 89 18.50 -23.47 -6.46
N ILE H 90 17.41 -23.28 -7.19
CA ILE H 90 16.07 -23.23 -6.60
C ILE H 90 15.43 -24.59 -6.79
N THR H 91 15.27 -25.33 -5.71
CA THR H 91 14.61 -26.63 -5.73
C THR H 91 13.19 -26.49 -5.21
N SER H 92 12.53 -27.64 -5.05
CA SER H 92 11.15 -27.68 -4.56
C SER H 92 11.03 -27.15 -3.14
N ARG H 93 12.11 -27.19 -2.37
CA ARG H 93 12.08 -26.65 -1.01
C ARG H 93 11.86 -25.15 -1.03
N GLU H 94 12.52 -24.45 -1.95
CA GLU H 94 12.34 -23.00 -2.08
C GLU H 94 10.90 -22.67 -2.46
N ILE H 95 10.34 -23.41 -3.42
CA ILE H 95 8.99 -23.13 -3.86
C ILE H 95 8.01 -23.47 -2.74
N GLN H 96 8.30 -24.51 -1.97
CA GLN H 96 7.47 -24.88 -0.83
C GLN H 96 7.46 -23.78 0.22
N THR H 97 8.63 -23.20 0.47
CA THR H 97 8.71 -22.04 1.35
C THR H 97 7.91 -20.88 0.80
N ALA H 98 7.97 -20.67 -0.52
CA ALA H 98 7.24 -19.58 -1.14
C ALA H 98 5.73 -19.78 -1.03
N VAL H 99 5.28 -21.02 -1.16
CA VAL H 99 3.87 -21.32 -0.97
C VAL H 99 3.47 -21.09 0.48
N ARG H 100 4.33 -21.49 1.43
CA ARG H 100 4.04 -21.28 2.84
C ARG H 100 3.97 -19.79 3.16
N LEU H 101 4.76 -18.98 2.47
CA LEU H 101 4.73 -17.54 2.67
C LEU H 101 3.51 -16.90 2.03
N LEU H 102 3.41 -16.97 0.70
CA LEU H 102 2.40 -16.23 -0.03
C LEU H 102 1.01 -16.81 0.15
N LEU H 103 0.87 -18.11 -0.05
CA LEU H 103 -0.46 -18.70 0.00
C LEU H 103 -0.90 -18.81 1.45
N PRO H 104 -2.06 -18.25 1.82
CA PRO H 104 -2.43 -18.24 3.23
C PRO H 104 -3.09 -19.55 3.67
N GLY H 105 -2.39 -20.29 4.52
CA GLY H 105 -2.97 -21.37 5.31
C GLY H 105 -3.54 -22.58 4.59
N GLU H 106 -4.88 -22.63 4.55
CA GLU H 106 -5.61 -23.86 4.27
C GLU H 106 -5.33 -24.35 2.85
N LEU H 107 -5.39 -23.43 1.89
CA LEU H 107 -5.00 -23.70 0.52
C LEU H 107 -3.53 -24.05 0.41
N ALA H 108 -2.67 -23.39 1.20
CA ALA H 108 -1.24 -23.68 1.18
C ALA H 108 -0.98 -25.09 1.67
N LYS H 109 -1.76 -25.53 2.65
CA LYS H 109 -1.63 -26.89 3.15
C LYS H 109 -2.03 -27.90 2.09
N HIS H 110 -3.16 -27.62 1.40
CA HIS H 110 -3.53 -28.50 0.30
C HIS H 110 -2.52 -28.45 -0.84
N ALA H 111 -1.90 -27.29 -1.07
CA ALA H 111 -0.92 -27.07 -2.12
C ALA H 111 0.32 -27.90 -1.86
N VAL H 112 0.74 -27.94 -0.60
CA VAL H 112 1.82 -28.83 -0.21
C VAL H 112 1.43 -30.29 -0.41
N SER H 113 0.15 -30.60 -0.17
CA SER H 113 -0.27 -31.98 -0.38
C SER H 113 -0.14 -32.39 -1.84
N GLU H 114 -0.61 -31.58 -2.81
CA GLU H 114 -0.45 -32.12 -4.17
C GLU H 114 1.00 -32.05 -4.60
N GLY H 115 1.75 -31.08 -4.06
CA GLY H 115 3.15 -30.98 -4.43
C GLY H 115 3.96 -32.17 -3.97
N THR H 116 3.69 -32.64 -2.74
CA THR H 116 4.39 -33.82 -2.24
C THR H 116 3.98 -35.07 -3.02
N LYS H 117 2.69 -35.21 -3.30
CA LYS H 117 2.23 -36.38 -4.05
C LYS H 117 2.78 -36.35 -5.48
N ALA H 118 2.90 -35.15 -6.05
CA ALA H 118 3.38 -35.01 -7.42
C ALA H 118 4.87 -35.31 -7.52
N VAL H 119 5.67 -34.82 -6.57
CA VAL H 119 7.10 -35.13 -6.62
C VAL H 119 7.32 -36.60 -6.33
N THR H 120 6.48 -37.21 -5.48
CA THR H 120 6.59 -38.64 -5.22
C THR H 120 6.30 -39.45 -6.49
N LYS H 121 5.22 -39.10 -7.19
CA LYS H 121 4.86 -39.85 -8.37
C LYS H 121 5.80 -39.54 -9.54
N TYR H 122 6.43 -38.36 -9.51
CA TYR H 122 7.39 -38.02 -10.56
C TYR H 122 8.70 -38.77 -10.36
N THR H 123 9.15 -38.88 -9.10
CA THR H 123 10.31 -39.72 -8.81
C THR H 123 10.02 -41.19 -9.07
N SER H 124 8.77 -41.62 -8.85
CA SER H 124 8.41 -42.98 -9.20
C SER H 124 8.24 -43.19 -10.69
N ALA H 125 8.20 -42.12 -11.48
CA ALA H 125 8.10 -42.22 -12.92
C ALA H 125 9.33 -41.61 -13.59
N SER K 35 -24.67 49.19 26.84
CA SER K 35 -25.50 48.66 27.92
C SER K 35 -26.80 48.07 27.37
N GLY K 36 -27.87 48.85 27.45
CA GLY K 36 -29.15 48.44 26.91
C GLY K 36 -29.89 47.48 27.81
N PRO K 37 -30.99 46.92 27.30
CA PRO K 37 -31.80 46.00 28.10
C PRO K 37 -31.14 44.64 28.22
N PRO K 38 -31.52 43.84 29.20
CA PRO K 38 -31.00 42.47 29.28
C PRO K 38 -31.51 41.60 28.13
N VAL K 39 -30.78 40.51 27.89
CA VAL K 39 -31.01 39.70 26.70
C VAL K 39 -32.23 38.80 26.86
N SER K 40 -32.83 38.77 28.05
CA SER K 40 -34.06 38.00 28.24
C SER K 40 -35.19 38.56 27.38
N GLU K 41 -35.33 39.89 27.34
CA GLU K 41 -36.32 40.53 26.49
C GLU K 41 -36.04 40.27 25.02
N LEU K 42 -34.76 40.29 24.64
CA LEU K 42 -34.36 40.03 23.26
C LEU K 42 -34.70 38.59 22.84
N ILE K 43 -34.45 37.63 23.73
CA ILE K 43 -34.70 36.22 23.40
C ILE K 43 -36.20 35.94 23.35
N THR K 44 -36.97 36.56 24.26
CA THR K 44 -38.43 36.41 24.21
C THR K 44 -39.01 37.03 22.95
N LYS K 45 -38.47 38.17 22.51
CA LYS K 45 -38.89 38.75 21.23
C LYS K 45 -38.54 37.84 20.07
N ALA K 46 -37.35 37.22 20.12
CA ALA K 46 -36.92 36.30 19.07
C ALA K 46 -37.84 35.08 18.97
N VAL K 47 -38.27 34.55 20.12
CA VAL K 47 -39.13 33.37 20.07
C VAL K 47 -40.59 33.76 19.77
N ALA K 48 -40.98 34.97 20.12
CA ALA K 48 -42.34 35.43 19.82
C ALA K 48 -42.48 35.96 18.40
N ALA K 49 -41.37 36.13 17.68
CA ALA K 49 -41.45 36.57 16.29
C ALA K 49 -42.14 35.54 15.40
N SER K 50 -41.92 34.25 15.64
CA SER K 50 -42.35 33.24 14.68
C SER K 50 -43.50 32.37 15.19
N LYS K 51 -43.26 31.64 16.28
CA LYS K 51 -44.20 30.68 16.86
C LYS K 51 -44.66 29.63 15.84
N GLU K 52 -43.68 28.89 15.34
CA GLU K 52 -43.95 27.73 14.50
C GLU K 52 -44.53 26.59 15.35
N ARG K 53 -45.26 25.69 14.69
CA ARG K 53 -45.82 24.53 15.39
C ARG K 53 -44.73 23.64 15.95
N SER K 54 -43.66 23.41 15.18
CA SER K 54 -42.44 22.84 15.72
C SER K 54 -41.48 23.98 16.07
N GLY K 55 -41.03 23.99 17.31
CA GLY K 55 -40.44 25.17 17.91
C GLY K 55 -39.10 25.61 17.38
N VAL K 56 -38.70 26.82 17.78
CA VAL K 56 -37.48 27.41 17.25
C VAL K 56 -36.26 26.66 17.79
N SER K 57 -35.33 26.32 16.90
CA SER K 57 -34.08 25.71 17.34
C SER K 57 -33.21 26.76 17.99
N LEU K 58 -32.19 26.30 18.70
CA LEU K 58 -31.15 27.22 19.17
C LEU K 58 -30.44 27.86 17.99
N ALA K 59 -30.28 27.10 16.90
CA ALA K 59 -29.74 27.66 15.67
C ALA K 59 -30.60 28.81 15.13
N ALA K 60 -31.91 28.57 15.00
CA ALA K 60 -32.80 29.57 14.41
C ALA K 60 -32.92 30.79 15.32
N LEU K 61 -32.97 30.57 16.64
CA LEU K 61 -33.07 31.71 17.55
C LEU K 61 -31.75 32.49 17.63
N LYS K 62 -30.59 31.83 17.56
CA LYS K 62 -29.36 32.63 17.62
C LYS K 62 -29.15 33.40 16.30
N LYS K 63 -29.56 32.81 15.17
CA LYS K 63 -29.49 33.56 13.92
C LYS K 63 -30.50 34.71 13.92
N ALA K 64 -31.64 34.52 14.60
CA ALA K 64 -32.60 35.60 14.76
C ALA K 64 -32.05 36.71 15.64
N LEU K 65 -31.34 36.36 16.71
CA LEU K 65 -30.73 37.37 17.57
C LEU K 65 -29.56 38.07 16.87
N ALA K 66 -28.84 37.34 16.01
CA ALA K 66 -27.82 37.97 15.20
C ALA K 66 -28.43 38.92 14.18
N ALA K 67 -29.63 38.57 13.70
CA ALA K 67 -30.38 39.47 12.80
C ALA K 67 -30.74 40.76 13.52
N ALA K 68 -31.04 40.68 14.82
CA ALA K 68 -31.23 41.88 15.62
C ALA K 68 -29.93 42.66 15.76
N GLY K 69 -28.81 41.95 15.87
CA GLY K 69 -27.51 42.58 16.01
C GLY K 69 -26.83 42.21 17.31
N TYR K 70 -27.52 41.42 18.14
CA TYR K 70 -26.96 41.00 19.41
C TYR K 70 -25.86 39.96 19.19
N ASP K 71 -24.76 40.11 19.91
CA ASP K 71 -23.66 39.16 19.83
C ASP K 71 -24.08 37.78 20.31
N VAL K 72 -23.78 36.76 19.52
CA VAL K 72 -24.12 35.38 19.85
C VAL K 72 -22.89 34.49 19.87
N GLU K 73 -21.71 35.04 19.62
CA GLU K 73 -20.49 34.26 19.52
C GLU K 73 -19.69 34.23 20.82
N LYS K 74 -19.47 35.39 21.46
CA LYS K 74 -18.79 35.37 22.76
C LYS K 74 -19.78 35.27 23.90
N ASN K 75 -21.01 35.73 23.70
CA ASN K 75 -22.06 35.61 24.71
C ASN K 75 -22.83 34.32 24.61
N ASN K 76 -22.35 33.33 23.85
CA ASN K 76 -23.03 32.05 23.74
C ASN K 76 -23.05 31.28 25.06
N SER K 77 -22.14 31.59 25.98
CA SER K 77 -22.26 31.06 27.34
C SER K 77 -23.41 31.71 28.08
N ARG K 78 -23.61 33.02 27.88
CA ARG K 78 -24.74 33.71 28.49
C ARG K 78 -26.07 33.19 27.93
N ILE K 79 -26.15 33.02 26.61
CA ILE K 79 -27.35 32.41 26.02
C ILE K 79 -27.49 30.96 26.44
N LYS K 80 -26.36 30.26 26.60
CA LYS K 80 -26.30 28.87 27.02
C LYS K 80 -26.94 28.69 28.39
N LEU K 81 -26.60 29.56 29.34
CA LEU K 81 -27.22 29.49 30.65
C LEU K 81 -28.64 30.06 30.62
N GLY K 82 -28.90 31.05 29.77
CA GLY K 82 -30.21 31.67 29.71
C GLY K 82 -31.28 30.74 29.17
N LEU K 83 -30.94 29.92 28.18
CA LEU K 83 -31.92 29.06 27.54
C LEU K 83 -32.25 27.82 28.36
N LYS K 84 -31.61 27.63 29.50
CA LYS K 84 -32.10 26.69 30.50
C LYS K 84 -32.69 27.39 31.70
N SER K 85 -32.25 28.61 31.99
CA SER K 85 -32.88 29.38 33.06
C SER K 85 -34.30 29.76 32.73
N LEU K 86 -34.61 30.05 31.46
CA LEU K 86 -35.98 30.37 31.09
C LEU K 86 -36.88 29.14 31.02
N VAL K 87 -36.33 27.99 30.61
CA VAL K 87 -37.11 26.75 30.63
C VAL K 87 -37.41 26.36 32.07
N SER K 88 -36.47 26.60 32.98
CA SER K 88 -36.70 26.30 34.39
C SER K 88 -37.69 27.29 35.00
N LYS K 89 -37.70 28.54 34.53
CA LYS K 89 -38.52 29.57 35.14
C LYS K 89 -39.98 29.51 34.67
N GLY K 90 -40.26 28.87 33.53
CA GLY K 90 -41.64 28.47 33.25
C GLY K 90 -42.43 29.37 32.33
N THR K 91 -41.92 30.55 32.00
CA THR K 91 -42.57 31.38 30.98
C THR K 91 -42.55 30.70 29.62
N LEU K 92 -41.44 30.07 29.28
CA LEU K 92 -41.33 29.24 28.10
C LEU K 92 -41.19 27.78 28.52
N VAL K 93 -41.79 26.89 27.73
CA VAL K 93 -41.68 25.45 27.94
C VAL K 93 -40.99 24.85 26.73
N GLN K 94 -40.22 23.79 26.96
CA GLN K 94 -39.48 23.12 25.91
C GLN K 94 -40.34 22.03 25.29
N THR K 95 -40.44 22.04 23.97
CA THR K 95 -41.37 21.16 23.29
C THR K 95 -40.80 19.74 23.16
N LYS K 96 -39.74 19.58 22.38
CA LYS K 96 -39.24 18.25 22.04
C LYS K 96 -37.81 18.03 22.51
N GLY K 97 -36.99 19.07 22.52
CA GLY K 97 -35.61 18.95 22.94
C GLY K 97 -35.45 18.86 24.44
N THR K 98 -34.20 18.83 24.87
CA THR K 98 -33.83 18.79 26.27
C THR K 98 -32.94 19.99 26.59
N GLY K 99 -33.23 20.65 27.71
CA GLY K 99 -32.41 21.77 28.15
C GLY K 99 -32.54 22.95 27.21
N ALA K 100 -31.46 23.23 26.47
CA ALA K 100 -31.48 24.26 25.45
C ALA K 100 -31.51 23.70 24.03
N SER K 101 -31.60 22.39 23.88
CA SER K 101 -31.62 21.79 22.56
C SER K 101 -33.05 21.69 22.03
N GLY K 102 -33.17 21.55 20.72
CA GLY K 102 -34.44 21.21 20.12
C GLY K 102 -35.39 22.39 19.93
N SER K 103 -36.64 22.16 20.33
CA SER K 103 -37.73 23.08 20.09
C SER K 103 -38.11 23.79 21.38
N PHE K 104 -38.78 24.93 21.24
CA PHE K 104 -39.32 25.70 22.35
C PHE K 104 -40.64 26.33 21.93
N LYS K 105 -41.61 26.37 22.85
CA LYS K 105 -42.87 27.04 22.61
C LYS K 105 -43.30 27.83 23.84
N LEU K 106 -44.23 28.76 23.63
CA LEU K 106 -44.71 29.60 24.70
C LEU K 106 -45.60 28.80 25.65
N ASN K 107 -45.80 29.34 26.86
CA ASN K 107 -46.65 28.71 27.84
C ASN K 107 -48.12 28.74 27.40
N LYS K 108 -48.95 28.00 28.13
CA LYS K 108 -50.37 27.89 27.79
C LYS K 108 -51.09 29.22 27.92
N LYS K 109 -50.83 29.94 29.01
CA LYS K 109 -51.49 31.22 29.25
C LYS K 109 -50.47 32.35 29.34
#